data_6PHY
#
_entry.id   6PHY
#
_cell.length_a   90.958
_cell.length_b   127.209
_cell.length_c   152.136
_cell.angle_alpha   90.000
_cell.angle_beta   90.000
_cell.angle_gamma   90.000
#
_symmetry.space_group_name_H-M   'I 2 2 2'
#
loop_
_entity.id
_entity.type
_entity.pdbx_description
1 polymer Alpha-galactosidase
2 branched alpha-D-galactopyranose-(1-3)-beta-D-galactopyranose
3 branched alpha-D-galactopyranose-(1-3)-alpha-D-galactopyranose
4 non-polymer 'L(+)-TARTARIC ACID'
5 non-polymer 1,2-ETHANEDIOL
6 water water
#
_entity_poly.entity_id   1
_entity_poly.type   'polypeptide(L)'
_entity_poly.pdbx_seq_one_letter_code
;MGSSHHHHHHSSGLVPRGSHMGVRIENNLFYVESKNLSLIIENRNGYLLLKHLGKTIKNYKGSNSVYERDHAFSGNPTAT
NRTFSLDTQRQIFGQHGLGDFRKPTIQVQHSVTEVTDFRFVEAKILKGQNGPQGLPSPHSMDDTETLVLMLEDSKAQLSL
TLYYTTFNNDATIASYSKLDNNSNQEVVIHKDFSFMADFPAADYEIVTLQGAYAREKTVRRQQVEQGIFSISSNRGASGH
AQTPALLLCEQGVTEDAGNVFAIQLMYSGNFEAFVQKNQLNEVRVAIGINPENFSWKLAPEEYFETPVALVTHSDQGLTG
ISHESQNFVLKHIMLSEFSKKERPILINNWEATYFDFQREKLLELADEAKKVGIELFVLDDGWFGNRFDDNRALGDWVVN
EEKLGGSLESLISAIHERGLQFGLWLEPEMISVDSDLYRQHPDWAIQVPGYEHTYSRNQLVLNLANPQVVEYLKSVLDQL
LFYHDIDYIKWNMNRNITKLGNGLTYLETQMQSHQYMLGLYELVSYLTEKHSHILFESCSGGGGRNDLGMMRYFPQVWAS
DNTDAIARLPIQYGSSYLYPTISMGAHVSAVPNHQMGRMTPLETRGLVAMMGNLGYELDLTNLSDEEKATIANQVNLYKE
LRPVVQLGQQYRLINPDTVSNEAAVQFNYGNQTIVTYVRVLSVVETMETTLKLKDLDEEGLYKLQENGEVYSGAELMYAG
LTVILSQGDFLSRQYIFRKL
;
_entity_poly.pdbx_strand_id   A
#
# COMPACT_ATOMS: atom_id res chain seq x y z
N HIS A 20 28.78 -6.74 -8.72
CA HIS A 20 28.11 -5.96 -9.81
C HIS A 20 26.63 -6.31 -9.89
N MET A 21 25.85 -5.28 -10.18
CA MET A 21 24.40 -5.40 -10.24
C MET A 21 23.95 -4.92 -11.61
N GLY A 22 22.71 -5.30 -11.97
CA GLY A 22 22.21 -5.10 -13.32
C GLY A 22 21.83 -6.44 -13.95
N VAL A 23 21.71 -6.44 -15.28
CA VAL A 23 21.27 -7.62 -16.01
C VAL A 23 22.43 -8.20 -16.83
N ARG A 24 22.49 -9.53 -16.86
CA ARG A 24 23.50 -10.23 -17.63
C ARG A 24 22.86 -11.39 -18.39
N ILE A 25 23.29 -11.60 -19.65
CA ILE A 25 22.85 -12.71 -20.50
C ILE A 25 24.06 -13.58 -20.79
N GLU A 26 24.02 -14.84 -20.35
CA GLU A 26 25.20 -15.69 -20.45
C GLU A 26 24.77 -17.07 -20.92
N ASN A 27 25.04 -17.35 -22.20
CA ASN A 27 24.55 -18.55 -22.88
C ASN A 27 23.03 -18.63 -22.67
N ASN A 28 22.55 -19.66 -21.97
CA ASN A 28 21.10 -19.76 -21.86
C ASN A 28 20.60 -19.31 -20.49
N LEU A 29 21.45 -18.62 -19.72
CA LEU A 29 21.03 -18.06 -18.44
C LEU A 29 20.86 -16.56 -18.58
N PHE A 30 19.83 -16.04 -17.91
CA PHE A 30 19.67 -14.60 -17.71
C PHE A 30 19.76 -14.36 -16.21
N TYR A 31 20.59 -13.39 -15.83
CA TYR A 31 20.78 -13.01 -14.43
C TYR A 31 20.18 -11.62 -14.24
N VAL A 32 19.20 -11.52 -13.34
CA VAL A 32 18.65 -10.24 -12.95
C VAL A 32 19.16 -9.93 -11.55
N GLU A 33 20.07 -8.95 -11.44
CA GLU A 33 20.87 -8.80 -10.23
C GLU A 33 20.64 -7.45 -9.59
N SER A 34 19.77 -7.44 -8.55
CA SER A 34 19.62 -6.31 -7.65
C SER A 34 20.58 -6.50 -6.47
N LYS A 35 20.58 -5.50 -5.60
CA LYS A 35 21.41 -5.58 -4.40
C LYS A 35 20.96 -6.78 -3.56
N ASN A 36 21.83 -7.80 -3.44
CA ASN A 36 21.60 -8.95 -2.56
C ASN A 36 20.40 -9.78 -2.98
N LEU A 37 19.92 -9.60 -4.22
CA LEU A 37 18.83 -10.43 -4.72
C LEU A 37 19.01 -10.64 -6.21
N SER A 38 18.94 -11.92 -6.60
CA SER A 38 19.11 -12.35 -7.98
C SER A 38 17.92 -13.20 -8.39
N LEU A 39 17.50 -13.00 -9.65
CA LEU A 39 16.61 -13.93 -10.35
C LEU A 39 17.38 -14.46 -11.55
N ILE A 40 17.53 -15.78 -11.60
CA ILE A 40 18.32 -16.46 -12.60
C ILE A 40 17.34 -17.35 -13.37
N ILE A 41 17.21 -17.09 -14.68
CA ILE A 41 16.23 -17.73 -15.55
C ILE A 41 17.03 -18.48 -16.61
N GLU A 42 16.56 -19.67 -16.99
CA GLU A 42 17.18 -20.43 -18.05
C GLU A 42 16.21 -20.55 -19.21
N ASN A 43 16.72 -20.29 -20.41
CA ASN A 43 15.98 -20.57 -21.64
C ASN A 43 16.27 -22.00 -22.05
N ARG A 44 15.24 -22.85 -21.97
CA ARG A 44 15.33 -24.23 -22.36
C ARG A 44 14.40 -24.47 -23.55
N ASN A 45 14.97 -24.32 -24.76
CA ASN A 45 14.27 -24.55 -26.01
C ASN A 45 12.98 -23.73 -26.10
N GLY A 46 13.03 -22.47 -25.68
CA GLY A 46 11.86 -21.60 -25.76
C GLY A 46 11.06 -21.54 -24.45
N TYR A 47 11.26 -22.52 -23.54
CA TYR A 47 10.59 -22.47 -22.24
C TYR A 47 11.49 -21.74 -21.24
N LEU A 48 10.90 -20.90 -20.38
CA LEU A 48 11.69 -20.16 -19.41
C LEU A 48 11.57 -20.84 -18.03
N LEU A 49 12.71 -21.21 -17.44
CA LEU A 49 12.71 -21.94 -16.18
C LEU A 49 13.29 -21.04 -15.09
N LEU A 50 12.64 -21.01 -13.92
CA LEU A 50 13.15 -20.28 -12.78
C LEU A 50 14.18 -21.18 -12.12
N LYS A 51 15.45 -20.78 -12.22
CA LYS A 51 16.53 -21.57 -11.64
C LYS A 51 16.78 -21.13 -10.19
N HIS A 52 16.80 -19.83 -9.94
CA HIS A 52 17.06 -19.33 -8.59
C HIS A 52 16.43 -17.96 -8.41
N LEU A 53 15.74 -17.78 -7.26
CA LEU A 53 15.35 -16.46 -6.78
C LEU A 53 15.78 -16.38 -5.32
N GLY A 54 16.65 -15.44 -5.00
CA GLY A 54 17.18 -15.37 -3.65
C GLY A 54 18.51 -14.62 -3.63
N LYS A 55 19.38 -14.97 -2.67
CA LYS A 55 20.63 -14.27 -2.47
C LYS A 55 21.51 -14.42 -3.73
N THR A 56 22.43 -13.46 -3.91
CA THR A 56 23.28 -13.37 -5.09
C THR A 56 24.06 -14.66 -5.33
N ILE A 57 23.99 -15.17 -6.57
CA ILE A 57 24.88 -16.24 -7.00
C ILE A 57 25.48 -15.86 -8.37
N LYS A 58 26.81 -15.84 -8.42
CA LYS A 58 27.49 -15.69 -9.69
C LYS A 58 27.88 -17.09 -10.18
N ASN A 59 28.01 -17.25 -11.49
CA ASN A 59 28.56 -18.46 -12.06
C ASN A 59 27.69 -19.64 -11.63
N TYR A 60 26.38 -19.48 -11.81
CA TYR A 60 25.41 -20.46 -11.34
C TYR A 60 25.55 -21.73 -12.18
N LYS A 61 25.63 -22.91 -11.52
CA LYS A 61 25.81 -24.16 -12.24
C LYS A 61 24.52 -24.99 -12.28
N GLY A 62 23.66 -24.88 -11.27
CA GLY A 62 22.42 -25.63 -11.30
C GLY A 62 22.32 -26.72 -10.23
N SER A 63 22.94 -26.50 -9.06
CA SER A 63 22.92 -27.48 -7.99
C SER A 63 21.47 -27.83 -7.61
N ASN A 64 20.55 -26.88 -7.75
CA ASN A 64 19.17 -27.05 -7.30
C ASN A 64 18.21 -27.22 -8.48
N SER A 65 18.72 -27.72 -9.62
CA SER A 65 17.89 -27.92 -10.79
C SER A 65 16.81 -28.96 -10.47
N VAL A 66 15.68 -28.84 -11.16
CA VAL A 66 14.63 -29.83 -11.04
C VAL A 66 15.18 -31.15 -11.58
N TYR A 67 14.95 -32.24 -10.86
CA TYR A 67 15.25 -33.54 -11.41
C TYR A 67 14.11 -33.99 -12.32
N GLU A 68 14.45 -34.25 -13.60
CA GLU A 68 13.45 -34.57 -14.59
C GLU A 68 13.14 -36.06 -14.56
N ARG A 69 11.88 -36.37 -14.26
CA ARG A 69 11.44 -37.76 -14.27
C ARG A 69 10.01 -37.82 -14.78
N ASP A 70 9.56 -39.06 -15.02
CA ASP A 70 8.20 -39.29 -15.46
C ASP A 70 7.30 -39.19 -14.25
N HIS A 71 6.51 -38.12 -14.18
CA HIS A 71 5.56 -37.93 -13.09
C HIS A 71 4.15 -38.26 -13.62
N ALA A 72 3.45 -39.16 -12.93
CA ALA A 72 2.23 -39.69 -13.53
C ALA A 72 1.23 -38.55 -13.75
N PHE A 73 0.59 -38.54 -14.92
CA PHE A 73 -0.46 -37.58 -15.29
C PHE A 73 0.11 -36.18 -15.54
N SER A 74 1.44 -36.05 -15.52
CA SER A 74 2.12 -34.82 -15.94
C SER A 74 2.62 -34.99 -17.38
N GLY A 75 1.94 -34.33 -18.32
CA GLY A 75 2.14 -34.59 -19.74
C GLY A 75 3.23 -33.72 -20.35
N ASN A 76 3.38 -33.84 -21.68
CA ASN A 76 4.65 -33.49 -22.31
C ASN A 76 4.40 -32.80 -23.67
N PRO A 77 5.28 -31.84 -24.06
CA PRO A 77 5.19 -31.20 -25.38
C PRO A 77 5.59 -32.08 -26.55
N THR A 78 6.30 -33.18 -26.29
CA THR A 78 6.62 -34.14 -27.34
C THR A 78 6.16 -35.52 -26.90
N ALA A 79 5.91 -36.42 -27.87
CA ALA A 79 5.37 -37.74 -27.59
C ALA A 79 6.38 -38.58 -26.80
N THR A 80 7.67 -38.46 -27.14
CA THR A 80 8.64 -39.48 -26.76
C THR A 80 9.40 -39.13 -25.48
N ASN A 81 9.30 -37.89 -24.98
CA ASN A 81 10.06 -37.54 -23.79
C ASN A 81 9.09 -37.31 -22.64
N ARG A 82 8.95 -38.32 -21.77
CA ARG A 82 7.97 -38.29 -20.69
C ARG A 82 8.49 -37.56 -19.46
N THR A 83 9.78 -37.17 -19.43
CA THR A 83 10.37 -36.62 -18.22
C THR A 83 10.41 -35.08 -18.24
N PHE A 84 10.17 -34.47 -19.42
CA PHE A 84 10.00 -33.02 -19.49
C PHE A 84 8.51 -32.68 -19.48
N SER A 85 8.07 -31.93 -18.45
CA SER A 85 6.68 -31.55 -18.30
C SER A 85 6.58 -30.16 -17.67
N LEU A 86 5.75 -29.29 -18.24
CA LEU A 86 5.52 -27.97 -17.65
C LEU A 86 4.69 -28.09 -16.37
N ASP A 87 4.18 -29.30 -16.09
CA ASP A 87 3.53 -29.60 -14.82
C ASP A 87 4.56 -29.68 -13.69
N THR A 88 5.85 -29.90 -14.02
CA THR A 88 6.84 -30.18 -13.00
C THR A 88 8.07 -29.24 -13.04
N GLN A 89 8.18 -28.40 -14.08
CA GLN A 89 9.25 -27.41 -14.18
C GLN A 89 8.85 -26.15 -13.40
N ARG A 90 9.83 -25.51 -12.75
CA ARG A 90 9.62 -24.24 -12.07
C ARG A 90 9.73 -23.11 -13.09
N GLN A 91 8.74 -22.22 -13.09
CA GLN A 91 8.58 -21.26 -14.17
C GLN A 91 8.41 -19.85 -13.60
N ILE A 92 8.33 -18.85 -14.49
CA ILE A 92 8.14 -17.47 -14.08
C ILE A 92 6.83 -16.91 -14.63
N PHE A 93 6.16 -17.64 -15.52
CA PHE A 93 4.77 -17.37 -15.84
C PHE A 93 4.09 -18.70 -16.12
N GLY A 94 2.76 -18.70 -16.01
CA GLY A 94 1.97 -19.93 -16.02
C GLY A 94 0.92 -19.91 -17.14
N GLN A 95 0.90 -20.99 -17.94
CA GLN A 95 -0.15 -21.18 -18.94
C GLN A 95 -0.98 -22.41 -18.61
N HIS A 96 -2.21 -22.41 -19.12
CA HIS A 96 -3.09 -23.57 -18.98
C HIS A 96 -3.24 -24.23 -20.34
N GLY A 97 -3.12 -25.56 -20.36
CA GLY A 97 -3.45 -26.31 -21.56
C GLY A 97 -2.26 -27.01 -22.22
N LEU A 98 -1.04 -26.80 -21.69
CA LEU A 98 0.18 -27.36 -22.27
C LEU A 98 0.75 -28.44 -21.36
N GLY A 99 -0.01 -28.83 -20.33
CA GLY A 99 0.44 -29.86 -19.41
C GLY A 99 0.65 -29.34 -17.98
N ASP A 100 0.85 -28.04 -17.80
CA ASP A 100 0.87 -27.47 -16.46
C ASP A 100 -0.56 -27.23 -15.98
N PHE A 101 -0.91 -27.83 -14.82
CA PHE A 101 -2.23 -27.68 -14.24
C PHE A 101 -2.23 -26.75 -13.01
N ARG A 102 -1.07 -26.19 -12.63
CA ARG A 102 -1.08 -25.12 -11.64
C ARG A 102 -1.80 -23.89 -12.17
N LYS A 103 -2.25 -23.02 -11.26
CA LYS A 103 -3.06 -21.88 -11.66
C LYS A 103 -2.27 -21.02 -12.65
N PRO A 104 -2.87 -20.65 -13.79
CA PRO A 104 -2.15 -19.86 -14.81
C PRO A 104 -2.16 -18.36 -14.49
N THR A 105 -1.20 -17.63 -15.07
CA THR A 105 -1.09 -16.20 -14.86
C THR A 105 -1.19 -15.43 -16.17
N ILE A 106 -1.17 -16.12 -17.34
CA ILE A 106 -1.52 -15.56 -18.63
C ILE A 106 -2.53 -16.48 -19.31
N GLN A 107 -3.64 -15.91 -19.77
CA GLN A 107 -4.65 -16.68 -20.49
C GLN A 107 -5.38 -15.75 -21.45
N VAL A 108 -5.19 -16.00 -22.76
CA VAL A 108 -5.72 -15.13 -23.80
C VAL A 108 -6.62 -15.95 -24.72
N GLN A 109 -7.86 -15.47 -24.91
CA GLN A 109 -8.78 -16.06 -25.88
C GLN A 109 -8.47 -15.48 -27.26
N HIS A 110 -8.39 -16.38 -28.25
CA HIS A 110 -8.15 -16.04 -29.65
C HIS A 110 -8.78 -17.13 -30.50
N SER A 111 -9.59 -16.73 -31.48
CA SER A 111 -10.30 -17.71 -32.29
C SER A 111 -11.12 -18.61 -31.36
N VAL A 112 -11.01 -19.94 -31.53
CA VAL A 112 -11.88 -20.88 -30.82
C VAL A 112 -11.28 -21.39 -29.51
N THR A 113 -10.19 -20.77 -29.02
CA THR A 113 -9.44 -21.31 -27.91
C THR A 113 -8.97 -20.23 -26.95
N GLU A 114 -8.61 -20.62 -25.72
CA GLU A 114 -7.80 -19.77 -24.86
C GLU A 114 -6.50 -20.46 -24.51
N VAL A 115 -6.08 -21.43 -25.35
CA VAL A 115 -4.73 -21.97 -25.27
C VAL A 115 -3.75 -21.04 -26.02
N THR A 116 -2.69 -20.60 -25.33
CA THR A 116 -1.54 -20.01 -26.00
C THR A 116 -0.33 -20.89 -25.72
N ASP A 117 0.72 -20.73 -26.54
CA ASP A 117 1.99 -21.36 -26.25
C ASP A 117 3.10 -20.37 -26.57
N PHE A 118 3.33 -19.45 -25.63
CA PHE A 118 4.36 -18.43 -25.75
C PHE A 118 5.74 -19.03 -25.60
N ARG A 119 6.61 -18.77 -26.58
CA ARG A 119 7.96 -19.30 -26.59
C ARG A 119 8.93 -18.13 -26.65
N PHE A 120 10.01 -18.25 -25.88
CA PHE A 120 11.03 -17.24 -25.86
C PHE A 120 11.68 -17.16 -27.25
N VAL A 121 11.84 -15.92 -27.75
CA VAL A 121 12.46 -15.70 -29.05
C VAL A 121 13.71 -14.82 -28.89
N GLU A 122 13.67 -13.78 -28.03
CA GLU A 122 14.77 -12.82 -28.01
C GLU A 122 14.83 -12.10 -26.66
N ALA A 123 16.04 -11.79 -26.18
CA ALA A 123 16.22 -10.96 -24.98
C ALA A 123 16.91 -9.63 -25.30
N LYS A 124 16.45 -8.55 -24.64
CA LYS A 124 17.06 -7.22 -24.67
C LYS A 124 17.35 -6.76 -23.25
N ILE A 125 18.23 -5.76 -23.11
CA ILE A 125 18.47 -5.13 -21.82
C ILE A 125 18.28 -3.62 -21.99
N LEU A 126 17.42 -3.00 -21.16
CA LEU A 126 17.30 -1.54 -21.13
C LEU A 126 18.09 -1.01 -19.92
N LYS A 127 18.43 0.29 -19.97
CA LYS A 127 18.98 0.96 -18.80
C LYS A 127 18.06 2.12 -18.46
N GLY A 128 17.94 2.46 -17.17
CA GLY A 128 17.21 3.64 -16.76
C GLY A 128 15.69 3.44 -16.82
N GLN A 129 14.96 4.55 -16.80
CA GLN A 129 13.56 4.49 -16.39
C GLN A 129 12.75 3.77 -17.47
N ASN A 130 11.76 3.00 -17.02
CA ASN A 130 10.74 2.44 -17.88
C ASN A 130 9.66 1.85 -16.99
N GLY A 131 8.50 1.61 -17.58
CA GLY A 131 7.38 1.07 -16.84
C GLY A 131 6.13 1.10 -17.72
N PRO A 132 5.02 0.49 -17.26
CA PRO A 132 3.79 0.49 -18.03
C PRO A 132 3.24 1.91 -18.10
N GLN A 133 2.77 2.31 -19.29
CA GLN A 133 2.12 3.60 -19.48
C GLN A 133 0.78 3.55 -18.75
N GLY A 134 0.45 4.63 -18.05
CA GLY A 134 -0.87 4.80 -17.46
C GLY A 134 -1.02 4.16 -16.08
N LEU A 135 0.04 3.51 -15.58
CA LEU A 135 0.01 2.83 -14.29
C LEU A 135 1.19 3.25 -13.43
N PRO A 136 0.99 3.36 -12.10
CA PRO A 136 2.05 3.82 -11.19
C PRO A 136 3.24 2.84 -11.22
N SER A 137 4.45 3.39 -11.34
CA SER A 137 5.62 2.55 -11.44
C SER A 137 6.79 3.23 -10.74
N PRO A 138 7.89 2.50 -10.43
CA PRO A 138 9.01 3.08 -9.69
C PRO A 138 9.60 4.33 -10.34
N HIS A 139 10.14 5.22 -9.52
CA HIS A 139 10.87 6.37 -10.02
C HIS A 139 12.32 6.28 -9.53
N SER A 140 13.13 7.26 -9.93
CA SER A 140 14.55 7.32 -9.56
C SER A 140 15.24 6.03 -10.01
N MET A 141 15.22 5.81 -11.32
CA MET A 141 15.63 4.55 -11.93
C MET A 141 16.91 4.66 -12.73
N ASP A 142 17.71 5.71 -12.52
CA ASP A 142 18.92 5.93 -13.31
C ASP A 142 19.89 4.76 -13.22
N ASP A 143 19.95 4.14 -12.04
CA ASP A 143 20.91 3.06 -11.78
C ASP A 143 20.20 1.71 -11.84
N THR A 144 19.28 1.58 -12.79
CA THR A 144 18.59 0.32 -12.96
C THR A 144 18.85 -0.23 -14.37
N GLU A 145 18.68 -1.55 -14.51
CA GLU A 145 18.62 -2.18 -15.81
C GLU A 145 17.39 -3.06 -15.83
N THR A 146 16.84 -3.26 -17.04
CA THR A 146 15.63 -4.04 -17.20
C THR A 146 15.89 -5.15 -18.23
N LEU A 147 15.67 -6.41 -17.81
CA LEU A 147 15.70 -7.54 -18.71
C LEU A 147 14.39 -7.57 -19.51
N VAL A 148 14.50 -7.69 -20.84
CA VAL A 148 13.31 -7.73 -21.69
C VAL A 148 13.25 -9.11 -22.33
N LEU A 149 12.27 -9.94 -21.93
CA LEU A 149 12.15 -11.29 -22.49
C LEU A 149 10.98 -11.31 -23.48
N MET A 150 11.33 -11.37 -24.76
CA MET A 150 10.33 -11.34 -25.81
C MET A 150 9.91 -12.77 -26.16
N LEU A 151 8.62 -13.05 -25.93
CA LEU A 151 8.00 -14.35 -26.18
C LEU A 151 6.98 -14.19 -27.31
N GLU A 152 6.79 -15.24 -28.12
CA GLU A 152 5.80 -15.21 -29.19
C GLU A 152 5.04 -16.52 -29.25
N ASP A 153 3.76 -16.41 -29.60
CA ASP A 153 2.95 -17.56 -30.00
C ASP A 153 2.73 -17.43 -31.50
N SER A 154 3.50 -18.16 -32.30
CA SER A 154 3.49 -17.90 -33.74
C SER A 154 2.11 -18.19 -34.34
N LYS A 155 1.42 -19.22 -33.85
CA LYS A 155 0.11 -19.58 -34.40
C LYS A 155 -0.91 -18.49 -34.12
N ALA A 156 -0.97 -18.01 -32.87
CA ALA A 156 -1.96 -17.02 -32.46
C ALA A 156 -1.54 -15.62 -32.90
N GLN A 157 -0.27 -15.46 -33.28
CA GLN A 157 0.28 -14.16 -33.69
C GLN A 157 0.13 -13.17 -32.55
N LEU A 158 0.55 -13.62 -31.35
CA LEU A 158 0.59 -12.79 -30.16
C LEU A 158 2.02 -12.77 -29.64
N SER A 159 2.38 -11.63 -29.03
CA SER A 159 3.63 -11.44 -28.30
C SER A 159 3.32 -11.18 -26.84
N LEU A 160 4.12 -11.79 -25.97
CA LEU A 160 4.14 -11.45 -24.55
C LEU A 160 5.58 -11.09 -24.20
N THR A 161 5.75 -9.90 -23.63
CA THR A 161 7.08 -9.41 -23.30
C THR A 161 7.14 -9.21 -21.79
N LEU A 162 8.10 -9.88 -21.15
CA LEU A 162 8.27 -9.80 -19.70
C LEU A 162 9.42 -8.86 -19.41
N TYR A 163 9.24 -8.05 -18.36
CA TYR A 163 10.24 -7.08 -17.92
C TYR A 163 10.57 -7.37 -16.46
N TYR A 164 11.87 -7.45 -16.17
CA TYR A 164 12.39 -7.55 -14.82
C TYR A 164 13.46 -6.48 -14.64
N THR A 165 13.31 -5.61 -13.62
CA THR A 165 14.17 -4.47 -13.40
C THR A 165 14.94 -4.63 -12.10
N THR A 166 16.24 -4.33 -12.14
CA THR A 166 17.13 -4.42 -10.99
C THR A 166 17.15 -3.06 -10.31
N PHE A 167 17.50 -3.04 -9.01
CA PHE A 167 17.77 -1.81 -8.29
C PHE A 167 19.11 -1.97 -7.58
N ASN A 168 19.92 -0.91 -7.57
CA ASN A 168 21.28 -1.08 -7.12
C ASN A 168 21.40 -0.86 -5.62
N ASN A 169 20.31 -0.37 -5.00
CA ASN A 169 20.37 0.10 -3.62
C ASN A 169 19.32 -0.62 -2.75
N ASP A 170 18.66 -1.65 -3.27
CA ASP A 170 17.56 -2.31 -2.57
C ASP A 170 17.45 -3.74 -3.05
N ALA A 171 17.13 -4.68 -2.13
CA ALA A 171 16.89 -6.07 -2.50
C ALA A 171 15.47 -6.24 -3.03
N THR A 172 15.16 -5.56 -4.14
CA THR A 172 13.89 -5.64 -4.81
C THR A 172 14.13 -5.74 -6.31
N ILE A 173 13.30 -6.55 -6.98
CA ILE A 173 13.21 -6.62 -8.42
C ILE A 173 11.77 -6.25 -8.80
N ALA A 174 11.60 -5.41 -9.84
CA ALA A 174 10.27 -5.03 -10.30
C ALA A 174 9.93 -5.78 -11.60
N SER A 175 8.63 -6.05 -11.79
CA SER A 175 8.19 -6.82 -12.94
C SER A 175 6.84 -6.34 -13.47
N TYR A 176 6.65 -6.52 -14.77
CA TYR A 176 5.39 -6.30 -15.46
C TYR A 176 5.52 -6.92 -16.85
N SER A 177 4.44 -6.93 -17.61
CA SER A 177 4.49 -7.57 -18.91
C SER A 177 3.64 -6.75 -19.87
N LYS A 178 3.90 -6.97 -21.17
CA LYS A 178 3.09 -6.37 -22.21
C LYS A 178 2.68 -7.48 -23.17
N LEU A 179 1.38 -7.49 -23.51
CA LEU A 179 0.86 -8.42 -24.50
C LEU A 179 0.43 -7.65 -25.73
N ASP A 180 1.00 -8.03 -26.88
CA ASP A 180 0.67 -7.41 -28.15
C ASP A 180 -0.18 -8.37 -28.99
N ASN A 181 -1.26 -7.82 -29.58
CA ASN A 181 -2.04 -8.56 -30.55
C ASN A 181 -1.51 -8.25 -31.96
N ASN A 182 -0.77 -9.18 -32.57
CA ASN A 182 -0.23 -8.96 -33.90
C ASN A 182 -1.03 -9.75 -34.93
N SER A 183 -2.24 -10.20 -34.56
CA SER A 183 -3.09 -10.98 -35.44
C SER A 183 -4.07 -10.04 -36.15
N ASN A 184 -4.88 -10.62 -37.03
CA ASN A 184 -5.87 -9.87 -37.80
C ASN A 184 -7.25 -9.97 -37.15
N GLN A 185 -7.32 -10.47 -35.91
CA GLN A 185 -8.60 -10.60 -35.24
C GLN A 185 -8.51 -10.07 -33.80
N GLU A 186 -9.67 -9.74 -33.22
CA GLU A 186 -9.78 -9.34 -31.83
C GLU A 186 -9.37 -10.51 -30.93
N VAL A 187 -8.66 -10.21 -29.84
CA VAL A 187 -8.38 -11.24 -28.86
C VAL A 187 -8.81 -10.70 -27.49
N VAL A 188 -8.98 -11.59 -26.51
CA VAL A 188 -9.47 -11.15 -25.21
C VAL A 188 -8.57 -11.73 -24.12
N ILE A 189 -7.94 -10.86 -23.32
CA ILE A 189 -7.19 -11.29 -22.16
C ILE A 189 -8.15 -11.63 -21.02
N HIS A 190 -7.99 -12.83 -20.46
CA HIS A 190 -8.81 -13.27 -19.35
C HIS A 190 -8.02 -13.24 -18.03
N LYS A 191 -6.73 -13.59 -18.10
CA LYS A 191 -5.84 -13.55 -16.95
C LYS A 191 -4.51 -12.93 -17.35
N ASP A 192 -3.98 -12.04 -16.50
CA ASP A 192 -2.67 -11.48 -16.77
C ASP A 192 -2.12 -10.90 -15.46
N PHE A 193 -1.42 -11.74 -14.71
CA PHE A 193 -0.83 -11.35 -13.43
C PHE A 193 0.48 -10.58 -13.71
N SER A 194 1.03 -9.97 -12.66
CA SER A 194 2.21 -9.13 -12.81
C SER A 194 3.50 -9.84 -12.39
N PHE A 195 3.39 -10.88 -11.56
CA PHE A 195 4.56 -11.64 -11.12
C PHE A 195 4.13 -13.02 -10.67
N MET A 196 5.00 -14.01 -10.91
CA MET A 196 4.78 -15.40 -10.50
C MET A 196 6.15 -16.02 -10.21
N ALA A 197 6.23 -16.86 -9.18
CA ALA A 197 7.43 -17.68 -9.00
C ALA A 197 7.05 -19.06 -8.45
N ASP A 198 7.68 -20.10 -9.04
CA ASP A 198 7.63 -21.46 -8.54
C ASP A 198 8.83 -21.67 -7.61
N PHE A 199 8.51 -21.94 -6.32
CA PHE A 199 9.52 -22.17 -5.29
C PHE A 199 9.59 -23.66 -5.00
N PRO A 200 10.79 -24.17 -4.66
CA PRO A 200 11.00 -25.61 -4.44
C PRO A 200 10.22 -26.06 -3.21
N ALA A 201 9.73 -27.30 -3.27
CA ALA A 201 9.09 -27.93 -2.14
C ALA A 201 9.97 -27.77 -0.91
N ALA A 202 9.36 -27.24 0.16
CA ALA A 202 9.96 -27.03 1.47
C ALA A 202 8.82 -26.62 2.39
N ASP A 203 9.10 -26.47 3.69
CA ASP A 203 8.06 -26.00 4.58
C ASP A 203 8.08 -24.48 4.52
N TYR A 204 6.90 -23.88 4.36
CA TYR A 204 6.82 -22.43 4.26
C TYR A 204 5.65 -21.93 5.10
N GLU A 205 5.79 -20.70 5.59
CA GLU A 205 4.65 -19.99 6.16
C GLU A 205 4.37 -18.77 5.28
N ILE A 206 3.16 -18.20 5.41
CA ILE A 206 2.89 -16.95 4.71
C ILE A 206 2.41 -15.90 5.70
N VAL A 207 2.83 -14.66 5.44
CA VAL A 207 2.29 -13.53 6.18
C VAL A 207 1.54 -12.64 5.20
N THR A 208 0.32 -12.21 5.60
CA THR A 208 -0.43 -11.24 4.82
C THR A 208 -0.99 -10.16 5.75
N LEU A 209 -1.52 -9.09 5.16
CA LEU A 209 -2.20 -8.04 5.90
C LEU A 209 -3.64 -8.02 5.41
N GLN A 210 -4.55 -8.30 6.34
CA GLN A 210 -5.97 -8.38 6.03
C GLN A 210 -6.73 -7.46 6.99
N GLY A 211 -7.67 -8.04 7.75
CA GLY A 211 -8.42 -7.24 8.71
C GLY A 211 -9.78 -6.79 8.19
N ALA A 212 -10.15 -5.54 8.53
CA ALA A 212 -11.46 -4.99 8.21
C ALA A 212 -11.44 -3.48 8.35
N TYR A 213 -12.52 -2.83 7.92
CA TYR A 213 -12.72 -1.44 8.28
C TYR A 213 -12.57 -1.33 9.79
N ALA A 214 -11.87 -0.27 10.25
CA ALA A 214 -11.59 0.02 11.65
C ALA A 214 -10.72 -1.06 12.29
N ARG A 215 -10.21 -2.01 11.48
CA ARG A 215 -9.28 -3.07 11.87
C ARG A 215 -8.29 -3.34 10.72
N GLU A 216 -7.80 -2.27 10.07
CA GLU A 216 -7.06 -2.42 8.83
C GLU A 216 -5.71 -3.10 9.08
N LYS A 217 -5.27 -3.85 8.05
CA LYS A 217 -3.92 -4.37 7.88
C LYS A 217 -3.58 -5.32 9.03
N THR A 218 -4.58 -6.10 9.48
CA THR A 218 -4.31 -7.07 10.53
C THR A 218 -3.30 -8.10 10.02
N VAL A 219 -2.20 -8.25 10.75
CA VAL A 219 -1.14 -9.15 10.36
C VAL A 219 -1.60 -10.60 10.56
N ARG A 220 -1.57 -11.42 9.50
CA ARG A 220 -2.01 -12.81 9.56
C ARG A 220 -0.84 -13.69 9.20
N ARG A 221 -0.64 -14.78 9.96
CA ARG A 221 0.43 -15.72 9.66
C ARG A 221 -0.12 -17.13 9.68
N GLN A 222 0.25 -17.96 8.70
CA GLN A 222 -0.21 -19.35 8.69
C GLN A 222 0.77 -20.21 7.92
N GLN A 223 0.61 -21.53 8.11
CA GLN A 223 1.38 -22.54 7.41
C GLN A 223 0.86 -22.65 5.97
N VAL A 224 1.77 -22.83 5.00
CA VAL A 224 1.37 -23.20 3.65
C VAL A 224 0.88 -24.64 3.64
N GLU A 225 -0.34 -24.87 3.11
CA GLU A 225 -0.98 -26.18 3.12
C GLU A 225 -1.25 -26.62 1.68
N GLN A 226 -1.35 -27.93 1.46
CA GLN A 226 -1.77 -28.39 0.15
C GLN A 226 -3.10 -27.73 -0.24
N GLY A 227 -3.16 -27.27 -1.49
CA GLY A 227 -4.32 -26.58 -2.05
C GLY A 227 -3.95 -25.15 -2.39
N ILE A 228 -4.94 -24.26 -2.40
CA ILE A 228 -4.73 -22.89 -2.84
C ILE A 228 -5.23 -21.99 -1.71
N PHE A 229 -4.37 -21.06 -1.28
CA PHE A 229 -4.81 -19.98 -0.42
C PHE A 229 -4.74 -18.68 -1.22
N SER A 230 -5.74 -17.80 -1.06
CA SER A 230 -5.67 -16.52 -1.75
C SER A 230 -6.28 -15.40 -0.90
N ILE A 231 -5.82 -14.18 -1.16
CA ILE A 231 -6.51 -12.96 -0.78
C ILE A 231 -6.81 -12.19 -2.06
N SER A 232 -7.95 -11.49 -2.08
CA SER A 232 -8.32 -10.82 -3.32
C SER A 232 -9.34 -9.73 -2.99
N SER A 233 -9.39 -8.75 -3.89
CA SER A 233 -10.47 -7.77 -3.85
C SER A 233 -11.24 -7.84 -5.14
N ASN A 234 -12.58 -7.84 -5.01
CA ASN A 234 -13.46 -7.66 -6.16
C ASN A 234 -14.30 -6.39 -5.94
N ARG A 235 -13.77 -5.44 -5.16
CA ARG A 235 -14.49 -4.26 -4.73
C ARG A 235 -14.22 -3.06 -5.64
N GLY A 236 -13.28 -3.19 -6.58
CA GLY A 236 -12.91 -2.08 -7.46
C GLY A 236 -11.86 -1.16 -6.83
N ALA A 237 -11.56 -1.40 -5.54
CA ALA A 237 -10.48 -0.82 -4.74
C ALA A 237 -9.77 -1.96 -4.01
N SER A 238 -8.48 -1.80 -3.69
CA SER A 238 -7.79 -2.87 -2.98
C SER A 238 -8.50 -3.28 -1.68
N GLY A 239 -9.05 -2.30 -0.92
CA GLY A 239 -9.97 -2.67 0.15
C GLY A 239 -9.37 -2.65 1.56
N HIS A 240 -10.24 -2.53 2.58
CA HIS A 240 -9.84 -2.56 3.97
C HIS A 240 -9.33 -3.92 4.42
N ALA A 241 -9.83 -5.01 3.82
CA ALA A 241 -9.73 -6.36 4.37
C ALA A 241 -8.59 -7.16 3.75
N GLN A 242 -7.92 -6.59 2.74
CA GLN A 242 -6.76 -7.25 2.15
C GLN A 242 -5.86 -6.20 1.49
N THR A 243 -4.55 -6.37 1.68
CA THR A 243 -3.51 -5.53 1.11
C THR A 243 -2.85 -6.32 -0.03
N PRO A 244 -2.44 -5.67 -1.13
CA PRO A 244 -1.74 -6.36 -2.23
C PRO A 244 -0.30 -6.71 -1.82
N ALA A 245 -0.18 -7.74 -0.98
CA ALA A 245 1.10 -8.20 -0.46
C ALA A 245 0.98 -9.65 -0.04
N LEU A 246 2.04 -10.43 -0.29
CA LEU A 246 2.09 -11.77 0.24
C LEU A 246 3.55 -12.09 0.53
N LEU A 247 3.84 -12.53 1.77
CA LEU A 247 5.20 -12.79 2.20
C LEU A 247 5.35 -14.29 2.33
N LEU A 248 6.18 -14.89 1.47
CA LEU A 248 6.47 -16.32 1.60
C LEU A 248 7.73 -16.46 2.42
N CYS A 249 7.62 -17.15 3.56
CA CYS A 249 8.64 -17.17 4.60
C CYS A 249 9.15 -18.60 4.85
N GLU A 250 10.44 -18.70 5.12
CA GLU A 250 11.08 -19.90 5.64
C GLU A 250 10.36 -20.30 6.93
N GLN A 251 10.09 -21.61 7.08
CA GLN A 251 9.50 -22.12 8.31
C GLN A 251 10.27 -21.56 9.51
N GLY A 252 9.56 -21.04 10.50
CA GLY A 252 10.18 -20.63 11.75
C GLY A 252 10.76 -19.23 11.72
N VAL A 253 10.41 -18.44 10.69
CA VAL A 253 10.91 -17.07 10.61
C VAL A 253 10.55 -16.29 11.88
N THR A 254 11.47 -15.40 12.31
CA THR A 254 11.19 -14.50 13.42
C THR A 254 11.35 -13.05 12.99
N GLU A 255 11.19 -12.11 13.93
CA GLU A 255 11.47 -10.71 13.64
C GLU A 255 12.92 -10.52 13.21
N ASP A 256 13.83 -11.31 13.79
CA ASP A 256 15.26 -11.08 13.61
C ASP A 256 15.90 -12.04 12.60
N ALA A 257 15.28 -13.19 12.30
CA ALA A 257 16.00 -14.17 11.49
C ALA A 257 15.10 -14.92 10.51
N GLY A 258 15.71 -15.34 9.40
CA GLY A 258 15.08 -16.24 8.43
C GLY A 258 14.76 -15.52 7.13
N ASN A 259 14.55 -16.30 6.07
CA ASN A 259 14.31 -15.78 4.72
C ASN A 259 12.85 -15.42 4.51
N VAL A 260 12.65 -14.23 3.92
CA VAL A 260 11.33 -13.75 3.55
C VAL A 260 11.37 -13.21 2.13
N PHE A 261 10.36 -13.59 1.33
CA PHE A 261 10.17 -13.01 0.02
C PHE A 261 8.81 -12.32 0.02
N ALA A 262 8.80 -10.99 -0.14
CA ALA A 262 7.57 -10.23 -0.22
C ALA A 262 7.25 -9.91 -1.68
N ILE A 263 6.07 -10.36 -2.13
CA ILE A 263 5.54 -9.97 -3.42
C ILE A 263 4.42 -8.95 -3.18
N GLN A 264 4.49 -7.83 -3.89
CA GLN A 264 3.56 -6.72 -3.73
C GLN A 264 3.16 -6.19 -5.10
N LEU A 265 2.03 -5.45 -5.17
CA LEU A 265 1.49 -4.92 -6.42
C LEU A 265 1.22 -3.42 -6.27
N MET A 266 1.73 -2.65 -7.25
CA MET A 266 1.50 -1.22 -7.33
C MET A 266 0.20 -1.01 -8.11
N TYR A 267 -0.92 -1.27 -7.45
CA TYR A 267 -2.23 -1.17 -8.08
C TYR A 267 -3.26 -1.03 -6.96
N SER A 268 -4.35 -0.32 -7.26
CA SER A 268 -5.26 0.12 -6.21
C SER A 268 -6.68 -0.39 -6.50
N GLY A 269 -6.84 -1.19 -7.56
CA GLY A 269 -8.13 -1.78 -7.92
C GLY A 269 -8.27 -3.24 -7.48
N ASN A 270 -8.90 -4.07 -8.33
CA ASN A 270 -9.09 -5.49 -8.03
C ASN A 270 -7.78 -6.26 -8.20
N PHE A 271 -7.40 -7.03 -7.18
CA PHE A 271 -6.15 -7.77 -7.29
C PHE A 271 -6.38 -9.15 -6.69
N GLU A 272 -5.45 -10.06 -6.97
CA GLU A 272 -5.37 -11.33 -6.25
C GLU A 272 -3.90 -11.62 -5.95
N ALA A 273 -3.63 -12.13 -4.73
CA ALA A 273 -2.38 -12.81 -4.44
C ALA A 273 -2.72 -14.25 -4.04
N PHE A 274 -2.01 -15.24 -4.58
CA PHE A 274 -2.29 -16.62 -4.20
C PHE A 274 -1.00 -17.40 -3.96
N VAL A 275 -1.13 -18.45 -3.15
CA VAL A 275 -0.07 -19.43 -2.98
C VAL A 275 -0.73 -20.79 -3.18
N GLN A 276 -0.20 -21.56 -4.13
CA GLN A 276 -0.72 -22.89 -4.41
C GLN A 276 0.35 -23.92 -4.09
N LYS A 277 -0.01 -24.90 -3.24
N LYS A 277 0.01 -24.92 -3.26
CA LYS A 277 0.83 -26.06 -3.02
CA LYS A 277 0.89 -26.06 -3.03
C LYS A 277 0.23 -27.24 -3.80
C LYS A 277 0.30 -27.29 -3.72
N ASN A 278 1.00 -27.76 -4.77
CA ASN A 278 0.48 -28.77 -5.67
C ASN A 278 0.73 -30.20 -5.14
N GLN A 279 0.48 -31.18 -6.02
CA GLN A 279 0.52 -32.62 -5.71
C GLN A 279 1.92 -33.11 -5.37
N LEU A 280 2.97 -32.38 -5.81
CA LEU A 280 4.34 -32.79 -5.55
C LEU A 280 4.94 -32.03 -4.37
N ASN A 281 4.14 -31.14 -3.76
CA ASN A 281 4.56 -30.29 -2.64
C ASN A 281 5.25 -29.00 -3.13
N GLU A 282 5.33 -28.79 -4.45
CA GLU A 282 5.85 -27.55 -4.99
C GLU A 282 4.90 -26.39 -4.65
N VAL A 283 5.44 -25.16 -4.68
CA VAL A 283 4.71 -23.97 -4.26
C VAL A 283 4.78 -22.88 -5.33
N ARG A 284 3.60 -22.44 -5.81
CA ARG A 284 3.51 -21.32 -6.73
C ARG A 284 2.96 -20.09 -6.00
N VAL A 285 3.57 -18.92 -6.21
CA VAL A 285 2.99 -17.70 -5.68
C VAL A 285 2.78 -16.74 -6.86
N ALA A 286 1.75 -15.89 -6.81
CA ALA A 286 1.58 -14.87 -7.85
C ALA A 286 0.73 -13.72 -7.31
N ILE A 287 0.88 -12.54 -7.94
CA ILE A 287 0.07 -11.38 -7.63
C ILE A 287 -0.22 -10.61 -8.93
N GLY A 288 -1.43 -10.04 -9.03
CA GLY A 288 -1.77 -9.26 -10.20
C GLY A 288 -3.21 -8.75 -10.14
N ILE A 289 -3.67 -8.20 -11.26
CA ILE A 289 -5.07 -7.89 -11.46
C ILE A 289 -5.89 -9.14 -11.21
N ASN A 290 -6.98 -8.98 -10.45
CA ASN A 290 -7.88 -10.07 -10.16
C ASN A 290 -8.54 -10.52 -11.47
N PRO A 291 -8.55 -11.84 -11.80
CA PRO A 291 -9.40 -12.34 -12.89
C PRO A 291 -10.88 -11.99 -12.77
N GLU A 292 -11.38 -11.85 -11.52
CA GLU A 292 -12.77 -11.49 -11.29
C GLU A 292 -12.99 -10.04 -11.73
N ASN A 293 -14.06 -9.81 -12.51
CA ASN A 293 -14.41 -8.47 -12.98
C ASN A 293 -13.40 -7.93 -14.00
N PHE A 294 -12.64 -8.84 -14.65
CA PHE A 294 -11.64 -8.44 -15.63
C PHE A 294 -11.68 -9.31 -16.89
N SER A 295 -11.73 -8.63 -18.03
CA SER A 295 -11.41 -9.15 -19.36
C SER A 295 -10.87 -7.96 -20.13
N TRP A 296 -10.02 -8.21 -21.14
CA TRP A 296 -9.49 -7.07 -21.87
C TRP A 296 -9.39 -7.38 -23.35
N LYS A 297 -10.20 -6.68 -24.15
CA LYS A 297 -10.23 -6.79 -25.59
C LYS A 297 -9.01 -6.06 -26.18
N LEU A 298 -8.35 -6.71 -27.15
CA LEU A 298 -7.29 -6.06 -27.90
C LEU A 298 -7.64 -6.18 -29.38
N ALA A 299 -7.80 -5.04 -30.05
CA ALA A 299 -7.96 -5.05 -31.49
C ALA A 299 -6.60 -5.29 -32.14
N PRO A 300 -6.53 -5.70 -33.43
CA PRO A 300 -5.24 -5.87 -34.08
C PRO A 300 -4.37 -4.66 -33.77
N GLU A 301 -3.14 -4.94 -33.35
CA GLU A 301 -2.10 -3.94 -33.12
C GLU A 301 -2.21 -3.32 -31.73
N GLU A 302 -3.26 -3.62 -30.97
CA GLU A 302 -3.35 -3.06 -29.61
C GLU A 302 -2.50 -3.89 -28.66
N TYR A 303 -2.12 -3.28 -27.52
CA TYR A 303 -1.35 -3.99 -26.52
C TYR A 303 -1.91 -3.69 -25.13
N PHE A 304 -1.60 -4.58 -24.18
CA PHE A 304 -1.97 -4.41 -22.77
C PHE A 304 -0.74 -4.57 -21.87
N GLU A 305 -0.50 -3.57 -21.01
CA GLU A 305 0.56 -3.68 -20.01
C GLU A 305 -0.05 -3.84 -18.61
N THR A 306 0.54 -4.75 -17.82
CA THR A 306 0.05 -5.03 -16.47
C THR A 306 0.65 -4.02 -15.49
N PRO A 307 0.05 -3.83 -14.29
CA PRO A 307 0.69 -3.05 -13.23
C PRO A 307 2.01 -3.69 -12.77
N VAL A 308 2.83 -2.89 -12.10
CA VAL A 308 4.14 -3.33 -11.65
C VAL A 308 3.96 -4.14 -10.38
N ALA A 309 4.60 -5.32 -10.36
CA ALA A 309 4.77 -6.09 -9.14
C ALA A 309 6.20 -5.94 -8.65
N LEU A 310 6.39 -6.18 -7.35
CA LEU A 310 7.70 -6.10 -6.72
C LEU A 310 7.95 -7.43 -6.00
N VAL A 311 9.17 -7.95 -6.14
CA VAL A 311 9.62 -9.02 -5.26
C VAL A 311 10.83 -8.53 -4.47
N THR A 312 10.69 -8.58 -3.14
CA THR A 312 11.66 -8.06 -2.19
C THR A 312 12.13 -9.20 -1.29
N HIS A 313 13.41 -9.19 -0.91
CA HIS A 313 13.94 -10.30 -0.13
C HIS A 313 14.72 -9.80 1.08
N SER A 314 14.61 -10.53 2.21
CA SER A 314 15.52 -10.37 3.33
C SER A 314 15.87 -11.73 3.91
N ASP A 315 17.09 -11.87 4.42
CA ASP A 315 17.40 -13.04 5.25
C ASP A 315 17.48 -12.60 6.70
N GLN A 316 16.88 -11.46 7.05
CA GLN A 316 16.96 -10.93 8.41
C GLN A 316 15.56 -10.89 9.03
N GLY A 317 14.76 -11.93 8.77
CA GLY A 317 13.44 -12.06 9.35
C GLY A 317 12.48 -10.94 8.91
N LEU A 318 11.43 -10.76 9.73
CA LEU A 318 10.30 -9.91 9.38
C LEU A 318 10.67 -8.43 9.53
N THR A 319 11.57 -8.10 10.46
CA THR A 319 12.07 -6.73 10.54
C THR A 319 12.96 -6.43 9.33
N GLY A 320 13.71 -7.44 8.87
CA GLY A 320 14.49 -7.32 7.66
C GLY A 320 13.62 -6.96 6.46
N ILE A 321 12.49 -7.67 6.32
CA ILE A 321 11.62 -7.44 5.19
C ILE A 321 10.91 -6.08 5.34
N SER A 322 10.56 -5.69 6.57
CA SER A 322 9.97 -4.37 6.78
C SER A 322 10.93 -3.29 6.29
N HIS A 323 12.21 -3.40 6.69
CA HIS A 323 13.19 -2.38 6.34
C HIS A 323 13.39 -2.34 4.82
N GLU A 324 13.54 -3.51 4.19
CA GLU A 324 13.73 -3.57 2.75
C GLU A 324 12.57 -2.93 2.00
N SER A 325 11.36 -3.27 2.46
CA SER A 325 10.14 -2.81 1.78
C SER A 325 9.99 -1.30 2.00
N GLN A 326 10.18 -0.86 3.25
CA GLN A 326 10.04 0.55 3.55
C GLN A 326 11.05 1.38 2.76
N ASN A 327 12.30 0.91 2.72
CA ASN A 327 13.36 1.63 2.02
C ASN A 327 13.02 1.76 0.54
N PHE A 328 12.52 0.68 -0.06
CA PHE A 328 12.26 0.70 -1.49
C PHE A 328 11.13 1.68 -1.79
N VAL A 329 10.09 1.64 -0.94
CA VAL A 329 8.97 2.56 -1.05
C VAL A 329 9.48 3.99 -0.92
N LEU A 330 10.35 4.28 0.06
CA LEU A 330 10.77 5.66 0.28
C LEU A 330 11.56 6.19 -0.91
N LYS A 331 12.41 5.33 -1.49
CA LYS A 331 13.36 5.74 -2.51
C LYS A 331 12.77 5.72 -3.92
N HIS A 332 11.79 4.84 -4.19
CA HIS A 332 11.43 4.56 -5.57
C HIS A 332 9.93 4.62 -5.81
N ILE A 333 9.12 4.83 -4.77
CA ILE A 333 7.68 4.93 -4.99
C ILE A 333 7.20 6.29 -4.50
N MET A 334 7.34 6.52 -3.19
CA MET A 334 6.80 7.75 -2.61
C MET A 334 7.46 8.94 -3.30
N LEU A 335 6.68 10.01 -3.52
CA LEU A 335 7.18 11.19 -4.23
C LEU A 335 8.44 11.72 -3.56
N SER A 336 9.49 11.95 -4.35
CA SER A 336 10.75 12.52 -3.90
C SER A 336 10.51 13.83 -3.16
N GLU A 337 9.53 14.62 -3.60
CA GLU A 337 9.25 15.91 -2.99
C GLU A 337 8.88 15.75 -1.51
N PHE A 338 8.45 14.55 -1.10
CA PHE A 338 7.88 14.42 0.25
C PHE A 338 8.51 13.28 1.06
N SER A 339 9.20 12.35 0.39
CA SER A 339 9.62 11.10 1.02
C SER A 339 10.58 11.34 2.18
N LYS A 340 11.27 12.49 2.17
CA LYS A 340 12.16 12.78 3.28
C LYS A 340 11.83 14.12 3.92
N LYS A 341 10.57 14.54 3.75
CA LYS A 341 10.13 15.83 4.23
C LYS A 341 9.24 15.64 5.46
N GLU A 342 9.59 16.29 6.58
CA GLU A 342 8.78 16.22 7.79
C GLU A 342 7.37 16.72 7.47
N ARG A 343 6.35 15.99 7.94
CA ARG A 343 4.97 16.30 7.56
C ARG A 343 4.34 17.16 8.63
N PRO A 344 3.49 18.14 8.26
CA PRO A 344 2.91 19.04 9.25
C PRO A 344 1.97 18.35 10.25
N ILE A 345 2.04 18.79 11.52
CA ILE A 345 1.10 18.37 12.53
C ILE A 345 -0.21 19.08 12.23
N LEU A 346 -1.28 18.30 12.04
CA LEU A 346 -2.51 18.94 11.57
C LEU A 346 -3.60 18.88 12.63
N ILE A 347 -4.60 19.74 12.44
CA ILE A 347 -5.91 19.60 13.05
C ILE A 347 -6.89 19.32 11.92
N ASN A 348 -7.71 18.28 12.11
CA ASN A 348 -8.82 17.99 11.23
C ASN A 348 -10.11 18.12 12.04
N ASN A 349 -11.14 18.76 11.46
CA ASN A 349 -12.34 19.09 12.23
C ASN A 349 -13.41 17.98 12.19
N TRP A 350 -13.20 16.89 11.45
CA TRP A 350 -14.26 15.91 11.20
C TRP A 350 -14.87 15.35 12.48
N GLU A 351 -14.06 14.64 13.31
CA GLU A 351 -14.62 14.08 14.54
C GLU A 351 -15.03 15.22 15.47
N ALA A 352 -14.51 16.42 15.19
CA ALA A 352 -14.69 17.56 16.07
C ALA A 352 -16.09 18.14 15.88
N THR A 353 -16.59 18.21 14.64
CA THR A 353 -17.85 18.92 14.39
C THR A 353 -18.78 18.11 13.50
N TYR A 354 -18.27 17.07 12.82
CA TYR A 354 -18.99 16.47 11.72
C TYR A 354 -19.43 17.57 10.75
N PHE A 355 -20.67 17.51 10.26
CA PHE A 355 -21.15 18.46 9.26
C PHE A 355 -21.54 19.80 9.89
N ASP A 356 -21.58 19.87 11.22
CA ASP A 356 -22.19 21.03 11.89
C ASP A 356 -21.13 22.07 12.22
N PHE A 357 -20.77 22.91 11.24
CA PHE A 357 -19.79 23.96 11.46
C PHE A 357 -20.18 25.17 10.63
N GLN A 358 -19.58 26.33 10.96
CA GLN A 358 -19.56 27.51 10.08
C GLN A 358 -18.30 28.32 10.39
N ARG A 359 -18.20 29.51 9.80
CA ARG A 359 -16.93 30.22 9.80
C ARG A 359 -16.46 30.49 11.23
N GLU A 360 -17.34 31.00 12.10
CA GLU A 360 -16.94 31.34 13.47
C GLU A 360 -16.28 30.13 14.13
N LYS A 361 -16.94 28.97 14.08
CA LYS A 361 -16.46 27.75 14.73
C LYS A 361 -15.07 27.37 14.17
N LEU A 362 -14.91 27.50 12.85
CA LEU A 362 -13.69 27.10 12.17
C LEU A 362 -12.49 27.93 12.66
N LEU A 363 -12.67 29.27 12.73
CA LEU A 363 -11.57 30.17 13.08
C LEU A 363 -11.21 30.06 14.56
N GLU A 364 -12.21 29.76 15.38
CA GLU A 364 -12.00 29.55 16.81
C GLU A 364 -11.19 28.27 17.02
N LEU A 365 -11.56 27.21 16.30
CA LEU A 365 -10.74 26.00 16.30
C LEU A 365 -9.33 26.33 15.80
N ALA A 366 -9.23 27.10 14.71
CA ALA A 366 -7.94 27.51 14.18
C ALA A 366 -7.14 28.27 15.24
N ASP A 367 -7.80 29.18 15.95
CA ASP A 367 -7.14 29.92 17.02
C ASP A 367 -6.54 28.95 18.04
N GLU A 368 -7.32 27.94 18.46
CA GLU A 368 -6.85 27.05 19.51
C GLU A 368 -5.71 26.19 18.98
N ALA A 369 -5.82 25.79 17.69
CA ALA A 369 -4.80 24.97 17.07
C ALA A 369 -3.48 25.73 17.06
N LYS A 370 -3.53 27.03 16.71
CA LYS A 370 -2.31 27.83 16.65
C LYS A 370 -1.65 27.94 18.01
N LYS A 371 -2.46 28.10 19.07
CA LYS A 371 -1.97 28.26 20.44
C LYS A 371 -1.20 27.02 20.88
N VAL A 372 -1.62 25.83 20.42
CA VAL A 372 -0.94 24.62 20.85
C VAL A 372 0.17 24.23 19.87
N GLY A 373 0.37 25.04 18.82
CA GLY A 373 1.52 24.89 17.94
C GLY A 373 1.28 23.98 16.75
N ILE A 374 0.01 23.68 16.47
CA ILE A 374 -0.36 22.88 15.30
C ILE A 374 0.01 23.68 14.06
N GLU A 375 0.25 22.98 12.94
CA GLU A 375 0.90 23.63 11.81
C GLU A 375 -0.05 23.80 10.63
N LEU A 376 -1.03 22.90 10.52
CA LEU A 376 -1.87 22.81 9.35
C LEU A 376 -3.32 22.60 9.80
N PHE A 377 -4.25 23.32 9.16
CA PHE A 377 -5.66 23.21 9.47
C PHE A 377 -6.38 22.61 8.27
N VAL A 378 -7.02 21.45 8.48
CA VAL A 378 -7.71 20.75 7.41
C VAL A 378 -9.22 20.87 7.62
N LEU A 379 -9.91 21.45 6.63
CA LEU A 379 -11.36 21.53 6.55
C LEU A 379 -11.88 20.24 5.92
N ASP A 380 -12.67 19.47 6.69
CA ASP A 380 -13.11 18.15 6.27
C ASP A 380 -14.43 18.29 5.51
N ASP A 381 -15.24 17.21 5.53
CA ASP A 381 -16.44 17.08 4.70
C ASP A 381 -17.44 18.17 5.09
N GLY A 382 -18.28 18.60 4.13
CA GLY A 382 -19.41 19.46 4.43
C GLY A 382 -19.28 20.92 3.95
N TRP A 383 -18.23 21.25 3.15
CA TRP A 383 -17.98 22.64 2.81
C TRP A 383 -18.56 23.01 1.44
N PHE A 384 -19.05 22.01 0.71
CA PHE A 384 -19.41 22.15 -0.70
C PHE A 384 -20.89 21.86 -0.89
N GLY A 385 -21.45 22.32 -2.03
CA GLY A 385 -22.84 22.06 -2.38
C GLY A 385 -23.79 22.32 -1.21
N ASN A 386 -24.78 21.44 -1.05
CA ASN A 386 -25.66 21.52 0.12
C ASN A 386 -25.38 20.31 1.00
N ARG A 387 -24.09 20.08 1.29
CA ARG A 387 -23.63 18.93 2.05
C ARG A 387 -23.77 19.19 3.55
N PHE A 388 -25.01 19.11 4.05
CA PHE A 388 -25.27 19.28 5.47
C PHE A 388 -25.31 17.94 6.19
N ASP A 389 -25.36 16.85 5.42
CA ASP A 389 -25.27 15.48 5.94
C ASP A 389 -24.63 14.62 4.84
N ASP A 390 -24.74 13.30 4.96
CA ASP A 390 -24.00 12.43 4.04
C ASP A 390 -24.98 11.76 3.08
N ASN A 391 -26.07 12.47 2.73
CA ASN A 391 -27.13 11.95 1.89
C ASN A 391 -27.25 12.73 0.58
N ARG A 392 -26.35 13.68 0.35
CA ARG A 392 -26.47 14.50 -0.85
C ARG A 392 -25.15 15.18 -1.18
N ALA A 393 -25.12 15.78 -2.39
CA ALA A 393 -24.20 16.86 -2.77
C ALA A 393 -22.85 16.36 -3.29
N LEU A 394 -22.52 15.05 -3.18
CA LEU A 394 -21.27 14.59 -3.77
C LEU A 394 -21.34 14.80 -5.29
N GLY A 395 -20.26 15.36 -5.86
CA GLY A 395 -20.30 15.71 -7.27
C GLY A 395 -20.41 17.22 -7.48
N ASP A 396 -20.93 17.94 -6.48
CA ASP A 396 -21.13 19.38 -6.54
C ASP A 396 -20.03 20.12 -5.79
N TRP A 397 -18.87 20.27 -6.43
CA TRP A 397 -17.68 20.82 -5.78
C TRP A 397 -17.69 22.36 -5.81
N VAL A 398 -18.86 22.96 -5.52
CA VAL A 398 -19.06 24.40 -5.45
C VAL A 398 -18.91 24.80 -3.99
N VAL A 399 -18.18 25.90 -3.70
CA VAL A 399 -18.04 26.33 -2.31
C VAL A 399 -19.39 26.77 -1.72
N ASN A 400 -19.69 26.32 -0.49
CA ASN A 400 -20.89 26.79 0.20
C ASN A 400 -20.54 28.07 0.93
N GLU A 401 -20.68 29.22 0.25
CA GLU A 401 -20.15 30.46 0.79
C GLU A 401 -20.97 30.91 1.99
N GLU A 402 -22.23 30.47 2.06
CA GLU A 402 -23.07 30.75 3.20
C GLU A 402 -22.45 30.08 4.44
N LYS A 403 -22.15 28.79 4.31
CA LYS A 403 -21.65 28.04 5.46
C LYS A 403 -20.24 28.53 5.81
N LEU A 404 -19.43 28.84 4.79
CA LEU A 404 -18.06 29.27 5.09
C LEU A 404 -18.03 30.76 5.42
N GLY A 405 -19.20 31.43 5.40
CA GLY A 405 -19.32 32.84 5.74
C GLY A 405 -18.50 33.75 4.83
N GLY A 406 -18.52 33.44 3.52
CA GLY A 406 -17.78 34.17 2.51
C GLY A 406 -17.06 33.18 1.59
N SER A 407 -16.14 33.70 0.75
CA SER A 407 -15.46 32.84 -0.19
C SER A 407 -14.51 31.92 0.56
N LEU A 408 -14.18 30.79 -0.07
CA LEU A 408 -13.12 29.91 0.39
C LEU A 408 -11.81 30.70 0.42
N GLU A 409 -11.61 31.59 -0.56
CA GLU A 409 -10.43 32.44 -0.59
C GLU A 409 -10.33 33.22 0.71
N SER A 410 -11.43 33.81 1.18
CA SER A 410 -11.40 34.61 2.40
C SER A 410 -11.14 33.73 3.62
N LEU A 411 -11.75 32.53 3.65
CA LEU A 411 -11.44 31.57 4.71
C LEU A 411 -9.94 31.22 4.72
N ILE A 412 -9.39 30.87 3.57
CA ILE A 412 -8.00 30.46 3.51
C ILE A 412 -7.09 31.58 4.03
N SER A 413 -7.36 32.83 3.57
CA SER A 413 -6.58 33.98 4.02
C SER A 413 -6.63 34.06 5.54
N ALA A 414 -7.82 33.89 6.11
CA ALA A 414 -7.97 33.91 7.57
C ALA A 414 -7.08 32.86 8.24
N ILE A 415 -7.08 31.63 7.71
CA ILE A 415 -6.30 30.54 8.27
C ILE A 415 -4.82 30.88 8.11
N HIS A 416 -4.43 31.35 6.91
CA HIS A 416 -3.03 31.70 6.66
C HIS A 416 -2.58 32.79 7.65
N GLU A 417 -3.45 33.77 7.91
CA GLU A 417 -3.07 34.92 8.74
C GLU A 417 -2.92 34.47 10.19
N ARG A 418 -3.53 33.32 10.54
CA ARG A 418 -3.38 32.81 11.90
C ARG A 418 -2.14 31.92 12.00
N GLY A 419 -1.37 31.80 10.91
CA GLY A 419 -0.09 31.11 10.96
C GLY A 419 -0.21 29.62 10.62
N LEU A 420 -1.31 29.19 9.99
CA LEU A 420 -1.55 27.77 9.73
C LEU A 420 -1.62 27.52 8.23
N GLN A 421 -1.05 26.39 7.78
CA GLN A 421 -1.32 25.94 6.43
C GLN A 421 -2.78 25.52 6.35
N PHE A 422 -3.35 25.49 5.14
CA PHE A 422 -4.74 25.18 4.90
C PHE A 422 -4.86 23.90 4.06
N GLY A 423 -5.75 22.99 4.49
CA GLY A 423 -6.02 21.74 3.79
C GLY A 423 -7.50 21.54 3.54
N LEU A 424 -7.85 20.70 2.55
CA LEU A 424 -9.25 20.60 2.14
C LEU A 424 -9.58 19.17 1.70
N TRP A 425 -10.80 18.75 2.06
CA TRP A 425 -11.33 17.43 1.81
C TRP A 425 -12.01 17.41 0.45
N LEU A 426 -11.76 16.35 -0.33
CA LEU A 426 -12.44 16.07 -1.60
C LEU A 426 -12.82 14.60 -1.63
N GLU A 427 -13.85 14.28 -2.42
CA GLU A 427 -14.18 12.89 -2.74
C GLU A 427 -14.58 12.82 -4.22
N PRO A 428 -13.60 13.03 -5.15
CA PRO A 428 -13.92 13.27 -6.56
C PRO A 428 -14.59 12.12 -7.33
N GLU A 429 -14.49 10.89 -6.79
CA GLU A 429 -14.87 9.71 -7.55
C GLU A 429 -16.35 9.37 -7.35
N MET A 430 -17.07 10.22 -6.61
CA MET A 430 -18.39 9.85 -6.11
C MET A 430 -19.44 10.87 -6.52
N ILE A 431 -20.70 10.43 -6.57
CA ILE A 431 -21.81 11.29 -6.94
C ILE A 431 -23.04 10.88 -6.14
N SER A 432 -23.76 11.87 -5.58
CA SER A 432 -25.02 11.62 -4.91
C SER A 432 -26.18 11.69 -5.91
N VAL A 433 -27.20 10.86 -5.71
CA VAL A 433 -28.43 10.98 -6.47
C VAL A 433 -28.94 12.40 -6.29
N ASP A 434 -28.90 12.88 -5.05
CA ASP A 434 -29.32 14.24 -4.74
C ASP A 434 -28.14 15.20 -4.90
N SER A 435 -27.87 15.59 -6.14
CA SER A 435 -26.80 16.51 -6.46
C SER A 435 -27.15 17.12 -7.82
N ASP A 436 -26.59 18.29 -8.14
CA ASP A 436 -26.82 18.91 -9.43
C ASP A 436 -26.10 18.08 -10.48
N LEU A 437 -24.97 17.48 -10.09
CA LEU A 437 -24.22 16.68 -11.04
C LEU A 437 -25.07 15.52 -11.54
N TYR A 438 -25.77 14.85 -10.60
CA TYR A 438 -26.57 13.69 -10.98
C TYR A 438 -27.78 14.16 -11.80
N ARG A 439 -28.38 15.28 -11.39
CA ARG A 439 -29.49 15.82 -12.15
C ARG A 439 -29.07 16.13 -13.59
N GLN A 440 -27.82 16.58 -13.80
CA GLN A 440 -27.36 16.92 -15.13
C GLN A 440 -26.84 15.69 -15.88
N HIS A 441 -26.16 14.76 -15.20
CA HIS A 441 -25.54 13.62 -15.88
C HIS A 441 -25.78 12.31 -15.11
N PRO A 442 -27.02 11.77 -15.09
CA PRO A 442 -27.29 10.54 -14.34
C PRO A 442 -26.54 9.31 -14.88
N ASP A 443 -26.09 9.40 -16.13
CA ASP A 443 -25.48 8.30 -16.85
C ASP A 443 -24.00 8.20 -16.48
N TRP A 444 -23.49 9.18 -15.73
CA TRP A 444 -22.09 9.19 -15.35
C TRP A 444 -21.82 8.22 -14.20
N ALA A 445 -22.90 7.79 -13.51
CA ALA A 445 -22.75 6.87 -12.41
C ALA A 445 -22.53 5.46 -12.94
N ILE A 446 -21.73 4.68 -12.22
CA ILE A 446 -21.62 3.25 -12.50
C ILE A 446 -22.98 2.61 -12.22
N GLN A 447 -23.50 1.88 -13.21
CA GLN A 447 -24.87 1.36 -13.15
C GLN A 447 -25.09 0.37 -14.28
N VAL A 448 -26.19 -0.36 -14.18
CA VAL A 448 -26.59 -1.32 -15.19
C VAL A 448 -27.93 -0.85 -15.74
N PRO A 449 -28.12 -0.78 -17.08
CA PRO A 449 -29.42 -0.41 -17.64
C PRO A 449 -30.50 -1.36 -17.11
N GLY A 450 -31.58 -0.76 -16.59
CA GLY A 450 -32.76 -1.51 -16.15
C GLY A 450 -32.63 -2.11 -14.75
N TYR A 451 -31.55 -1.75 -14.01
CA TYR A 451 -31.46 -2.17 -12.61
C TYR A 451 -31.41 -0.93 -11.72
N GLU A 452 -32.12 -1.00 -10.58
CA GLU A 452 -32.03 0.04 -9.57
C GLU A 452 -30.57 0.17 -9.11
N HIS A 453 -30.21 1.34 -8.57
CA HIS A 453 -28.89 1.51 -7.98
C HIS A 453 -28.74 0.58 -6.78
N THR A 454 -27.51 0.13 -6.54
CA THR A 454 -27.15 -0.31 -5.20
C THR A 454 -26.48 0.87 -4.49
N TYR A 455 -26.91 1.15 -3.25
CA TYR A 455 -26.44 2.32 -2.53
C TYR A 455 -25.42 1.91 -1.48
N SER A 456 -24.51 2.84 -1.15
CA SER A 456 -23.53 2.63 -0.10
C SER A 456 -23.17 3.99 0.47
N ARG A 457 -23.38 4.16 1.79
CA ARG A 457 -23.42 5.49 2.41
C ARG A 457 -24.30 6.45 1.59
N ASN A 458 -25.38 5.90 1.01
CA ASN A 458 -26.37 6.66 0.23
C ASN A 458 -25.70 7.46 -0.90
N GLN A 459 -24.66 6.91 -1.53
CA GLN A 459 -24.02 7.59 -2.63
C GLN A 459 -23.69 6.56 -3.71
N LEU A 460 -23.29 7.07 -4.88
CA LEU A 460 -22.96 6.26 -6.05
C LEU A 460 -21.52 6.53 -6.48
N VAL A 461 -20.97 5.63 -7.32
CA VAL A 461 -19.61 5.82 -7.81
C VAL A 461 -19.68 6.38 -9.24
N LEU A 462 -18.84 7.39 -9.51
CA LEU A 462 -18.71 7.94 -10.85
C LEU A 462 -17.97 6.95 -11.74
N ASN A 463 -18.38 6.86 -13.00
CA ASN A 463 -17.71 5.98 -13.95
C ASN A 463 -16.45 6.66 -14.50
N LEU A 464 -15.31 6.43 -13.83
CA LEU A 464 -14.08 7.07 -14.27
C LEU A 464 -13.50 6.37 -15.50
N ALA A 465 -14.15 5.29 -16.00
CA ALA A 465 -13.82 4.71 -17.30
C ALA A 465 -14.37 5.59 -18.44
N ASN A 466 -15.23 6.55 -18.09
CA ASN A 466 -15.82 7.46 -19.05
C ASN A 466 -14.91 8.68 -19.17
N PRO A 467 -14.24 8.89 -20.34
CA PRO A 467 -13.28 9.97 -20.48
C PRO A 467 -13.88 11.35 -20.21
N GLN A 468 -15.20 11.48 -20.43
CA GLN A 468 -15.87 12.74 -20.12
C GLN A 468 -15.87 12.99 -18.62
N VAL A 469 -16.01 11.91 -17.82
CA VAL A 469 -15.95 12.02 -16.37
C VAL A 469 -14.55 12.47 -15.93
N VAL A 470 -13.50 11.87 -16.51
CA VAL A 470 -12.15 12.26 -16.13
C VAL A 470 -11.87 13.71 -16.54
N GLU A 471 -12.33 14.10 -17.73
CA GLU A 471 -12.08 15.47 -18.17
C GLU A 471 -12.75 16.45 -17.23
N TYR A 472 -13.98 16.15 -16.83
CA TYR A 472 -14.75 17.02 -15.94
C TYR A 472 -14.04 17.18 -14.60
N LEU A 473 -13.51 16.08 -14.06
CA LEU A 473 -12.87 16.15 -12.75
C LEU A 473 -11.53 16.90 -12.86
N LYS A 474 -10.77 16.67 -13.94
CA LYS A 474 -9.53 17.42 -14.09
C LYS A 474 -9.85 18.92 -14.08
N SER A 475 -10.93 19.28 -14.78
CA SER A 475 -11.27 20.69 -14.97
C SER A 475 -11.71 21.31 -13.65
N VAL A 476 -12.68 20.66 -13.00
CA VAL A 476 -13.24 21.22 -11.78
C VAL A 476 -12.14 21.35 -10.73
N LEU A 477 -11.26 20.34 -10.67
CA LEU A 477 -10.29 20.32 -9.58
C LEU A 477 -9.11 21.24 -9.88
N ASP A 478 -8.69 21.31 -11.14
CA ASP A 478 -7.63 22.23 -11.52
C ASP A 478 -8.07 23.64 -11.17
N GLN A 479 -9.35 23.92 -11.42
CA GLN A 479 -9.92 25.21 -11.10
C GLN A 479 -9.85 25.49 -9.61
N LEU A 480 -10.27 24.50 -8.79
CA LEU A 480 -10.25 24.66 -7.35
C LEU A 480 -8.82 24.95 -6.85
N LEU A 481 -7.83 24.21 -7.35
CA LEU A 481 -6.47 24.30 -6.86
C LEU A 481 -5.76 25.55 -7.38
N PHE A 482 -6.04 26.01 -8.61
CA PHE A 482 -5.34 27.18 -9.13
C PHE A 482 -5.92 28.47 -8.54
N TYR A 483 -7.22 28.47 -8.22
CA TYR A 483 -7.84 29.70 -7.74
C TYR A 483 -7.78 29.83 -6.22
N HIS A 484 -7.21 28.84 -5.53
CA HIS A 484 -7.17 28.86 -4.07
C HIS A 484 -5.80 28.44 -3.58
N ASP A 485 -5.39 29.06 -2.47
CA ASP A 485 -4.06 28.83 -1.94
C ASP A 485 -4.04 27.64 -0.98
N ILE A 486 -4.30 26.44 -1.50
CA ILE A 486 -4.46 25.25 -0.68
C ILE A 486 -3.10 24.57 -0.52
N ASP A 487 -2.76 24.18 0.73
CA ASP A 487 -1.46 23.57 1.02
C ASP A 487 -1.52 22.04 1.07
N TYR A 488 -2.74 21.48 1.17
CA TYR A 488 -2.92 20.06 1.47
C TYR A 488 -4.30 19.65 0.97
N ILE A 489 -4.40 18.41 0.47
CA ILE A 489 -5.65 17.82 0.05
C ILE A 489 -5.80 16.46 0.74
N LYS A 490 -7.02 16.19 1.22
CA LYS A 490 -7.37 14.86 1.70
C LYS A 490 -8.35 14.28 0.69
N TRP A 491 -7.92 13.21 0.00
CA TRP A 491 -8.65 12.67 -1.13
C TRP A 491 -9.38 11.42 -0.65
N ASN A 492 -10.71 11.46 -0.61
CA ASN A 492 -11.49 10.42 0.04
C ASN A 492 -12.13 9.52 -1.00
N MET A 493 -12.65 8.39 -0.52
CA MET A 493 -13.34 7.44 -1.38
C MET A 493 -14.11 6.46 -0.49
N ASN A 494 -15.44 6.68 -0.37
CA ASN A 494 -16.19 6.12 0.76
C ASN A 494 -17.15 4.98 0.42
N ARG A 495 -17.00 4.32 -0.73
CA ARG A 495 -17.76 3.10 -1.00
C ARG A 495 -17.08 2.28 -2.08
N ASN A 496 -17.54 1.04 -2.25
CA ASN A 496 -16.97 0.14 -3.23
C ASN A 496 -17.92 0.04 -4.42
N ILE A 497 -17.47 -0.63 -5.49
CA ILE A 497 -18.16 -0.55 -6.77
C ILE A 497 -19.14 -1.72 -6.92
N THR A 498 -20.40 -1.36 -7.25
CA THR A 498 -21.45 -2.30 -7.59
C THR A 498 -22.03 -2.00 -8.96
N LYS A 499 -22.88 -2.89 -9.47
CA LYS A 499 -23.72 -2.64 -10.65
C LYS A 499 -22.88 -2.26 -11.87
N LEU A 500 -21.94 -3.13 -12.26
CA LEU A 500 -21.12 -2.92 -13.45
C LEU A 500 -21.93 -3.20 -14.72
N GLY A 501 -22.19 -2.16 -15.53
CA GLY A 501 -22.89 -2.36 -16.80
C GLY A 501 -22.91 -1.10 -17.67
N ASN A 502 -21.82 -0.32 -17.65
CA ASN A 502 -21.76 0.91 -18.42
C ASN A 502 -21.21 0.68 -19.83
N GLY A 503 -20.73 -0.54 -20.11
CA GLY A 503 -20.18 -0.85 -21.42
C GLY A 503 -21.26 -0.84 -22.51
N LEU A 504 -20.82 -0.48 -23.72
CA LEU A 504 -21.62 -0.65 -24.92
C LEU A 504 -21.77 -2.14 -25.24
N THR A 505 -20.81 -2.94 -24.76
CA THR A 505 -20.88 -4.39 -24.90
C THR A 505 -20.51 -5.02 -23.55
N TYR A 506 -20.77 -6.32 -23.40
CA TYR A 506 -20.32 -7.05 -22.22
C TYR A 506 -18.81 -6.89 -22.01
N LEU A 507 -18.02 -6.98 -23.09
CA LEU A 507 -16.58 -6.89 -22.94
C LEU A 507 -16.17 -5.50 -22.43
N GLU A 508 -16.89 -4.44 -22.85
CA GLU A 508 -16.49 -3.12 -22.37
C GLU A 508 -16.79 -2.99 -20.88
N THR A 509 -17.86 -3.64 -20.43
CA THR A 509 -18.18 -3.68 -19.01
C THR A 509 -17.07 -4.42 -18.25
N GLN A 510 -16.56 -5.50 -18.84
CA GLN A 510 -15.54 -6.31 -18.20
C GLN A 510 -14.24 -5.53 -18.07
N MET A 511 -14.10 -4.51 -18.93
CA MET A 511 -12.91 -3.68 -18.94
C MET A 511 -13.07 -2.47 -18.02
N GLN A 512 -14.31 -2.11 -17.64
CA GLN A 512 -14.53 -0.81 -17.01
C GLN A 512 -13.88 -0.68 -15.62
N SER A 513 -13.68 -1.79 -14.90
CA SER A 513 -13.08 -1.68 -13.57
C SER A 513 -11.60 -1.32 -13.67
N HIS A 514 -10.90 -1.90 -14.64
CA HIS A 514 -9.50 -1.55 -14.86
C HIS A 514 -9.39 -0.15 -15.50
N GLN A 515 -10.30 0.15 -16.44
CA GLN A 515 -10.31 1.48 -17.07
C GLN A 515 -10.64 2.54 -16.03
N TYR A 516 -11.48 2.19 -15.05
CA TYR A 516 -11.73 3.09 -13.93
C TYR A 516 -10.40 3.45 -13.26
N MET A 517 -9.59 2.44 -12.95
CA MET A 517 -8.28 2.67 -12.35
C MET A 517 -7.38 3.51 -13.26
N LEU A 518 -7.35 3.20 -14.57
CA LEU A 518 -6.52 4.00 -15.46
C LEU A 518 -6.99 5.46 -15.42
N GLY A 519 -8.31 5.66 -15.40
CA GLY A 519 -8.88 7.00 -15.30
C GLY A 519 -8.45 7.72 -14.01
N LEU A 520 -8.57 7.00 -12.88
CA LEU A 520 -8.12 7.53 -11.60
C LEU A 520 -6.64 7.94 -11.64
N TYR A 521 -5.78 7.06 -12.17
CA TYR A 521 -4.35 7.35 -12.19
C TYR A 521 -3.99 8.52 -13.13
N GLU A 522 -4.66 8.60 -14.27
CA GLU A 522 -4.55 9.73 -15.17
C GLU A 522 -4.90 11.01 -14.39
N LEU A 523 -6.00 10.97 -13.63
CA LEU A 523 -6.49 12.12 -12.88
C LEU A 523 -5.49 12.52 -11.79
N VAL A 524 -5.05 11.56 -10.97
CA VAL A 524 -4.26 11.92 -9.80
C VAL A 524 -2.81 12.21 -10.19
N SER A 525 -2.28 11.55 -11.24
CA SER A 525 -0.93 11.87 -11.68
C SER A 525 -0.90 13.29 -12.25
N TYR A 526 -1.96 13.64 -12.98
CA TYR A 526 -2.07 14.98 -13.52
C TYR A 526 -2.06 16.04 -12.40
N LEU A 527 -2.98 15.92 -11.45
CA LEU A 527 -3.15 16.94 -10.42
C LEU A 527 -1.96 17.01 -9.47
N THR A 528 -1.41 15.86 -9.07
CA THR A 528 -0.29 15.84 -8.13
C THR A 528 0.95 16.44 -8.80
N GLU A 529 1.13 16.19 -10.10
CA GLU A 529 2.21 16.74 -10.89
C GLU A 529 2.01 18.24 -11.13
N LYS A 530 0.79 18.67 -11.52
CA LYS A 530 0.50 20.06 -11.82
C LYS A 530 0.47 20.90 -10.54
N HIS A 531 0.34 20.26 -9.36
CA HIS A 531 0.25 20.99 -8.11
C HIS A 531 1.19 20.37 -7.10
N SER A 532 2.46 20.32 -7.47
CA SER A 532 3.39 19.42 -6.81
C SER A 532 3.83 19.96 -5.45
N HIS A 533 3.49 21.21 -5.16
CA HIS A 533 3.75 21.78 -3.83
C HIS A 533 2.71 21.29 -2.81
N ILE A 534 1.56 20.78 -3.29
CA ILE A 534 0.50 20.39 -2.37
C ILE A 534 0.77 18.99 -1.84
N LEU A 535 0.62 18.80 -0.52
CA LEU A 535 0.66 17.48 0.11
C LEU A 535 -0.72 16.82 -0.03
N PHE A 536 -0.79 15.72 -0.80
CA PHE A 536 -2.03 14.98 -0.96
C PHE A 536 -2.02 13.77 -0.02
N GLU A 537 -3.02 13.69 0.88
CA GLU A 537 -3.17 12.51 1.73
C GLU A 537 -4.34 11.70 1.19
N SER A 538 -4.08 10.42 0.92
CA SER A 538 -5.16 9.55 0.41
C SER A 538 -5.99 9.01 1.58
N CYS A 539 -7.22 8.60 1.28
CA CYS A 539 -8.15 8.14 2.30
C CYS A 539 -9.22 7.30 1.63
N SER A 540 -9.72 6.28 2.33
CA SER A 540 -10.86 5.50 1.83
C SER A 540 -11.59 4.90 3.02
N GLY A 541 -12.46 5.71 3.65
CA GLY A 541 -12.96 5.39 4.98
C GLY A 541 -11.83 4.88 5.87
N GLY A 542 -10.79 5.71 6.01
CA GLY A 542 -9.52 5.25 6.54
C GLY A 542 -8.71 4.46 5.50
N GLY A 543 -8.39 3.20 5.84
CA GLY A 543 -7.41 2.42 5.08
C GLY A 543 -8.01 1.49 4.05
N GLY A 544 -9.06 1.93 3.34
CA GLY A 544 -9.75 1.07 2.40
C GLY A 544 -9.04 0.95 1.04
N ARG A 545 -7.97 1.72 0.85
CA ARG A 545 -7.22 1.72 -0.40
C ARG A 545 -5.79 2.16 -0.11
N ASN A 546 -5.20 1.54 0.91
CA ASN A 546 -3.88 1.89 1.38
C ASN A 546 -2.90 0.90 0.76
N ASP A 547 -2.47 1.21 -0.48
CA ASP A 547 -1.63 0.31 -1.25
C ASP A 547 -0.57 1.12 -1.97
N LEU A 548 0.34 0.43 -2.67
CA LEU A 548 1.51 1.10 -3.25
C LEU A 548 1.18 1.80 -4.57
N GLY A 549 0.02 1.48 -5.15
CA GLY A 549 -0.46 2.26 -6.28
C GLY A 549 -0.76 3.71 -5.86
N MET A 550 -1.46 3.87 -4.72
CA MET A 550 -1.87 5.20 -4.24
C MET A 550 -0.64 5.93 -3.71
N MET A 551 0.27 5.18 -3.11
CA MET A 551 1.42 5.77 -2.43
C MET A 551 2.45 6.33 -3.43
N ARG A 552 2.29 6.01 -4.72
CA ARG A 552 3.06 6.61 -5.80
C ARG A 552 2.71 8.09 -5.95
N TYR A 553 1.49 8.51 -5.54
CA TYR A 553 1.05 9.89 -5.77
C TYR A 553 0.70 10.62 -4.49
N PHE A 554 0.34 9.85 -3.45
CA PHE A 554 -0.16 10.38 -2.18
C PHE A 554 0.80 9.94 -1.08
N PRO A 555 1.71 10.81 -0.62
CA PRO A 555 2.77 10.37 0.29
C PRO A 555 2.35 10.13 1.74
N GLN A 556 1.07 10.32 2.05
CA GLN A 556 0.53 9.85 3.32
C GLN A 556 -0.91 9.40 3.11
N VAL A 557 -1.42 8.65 4.10
CA VAL A 557 -2.71 7.98 4.01
C VAL A 557 -3.37 8.02 5.39
N TRP A 558 -4.70 8.22 5.43
CA TRP A 558 -5.43 8.14 6.68
C TRP A 558 -5.57 6.66 7.06
N ALA A 559 -4.75 6.17 8.01
CA ALA A 559 -4.55 4.72 8.15
C ALA A 559 -5.84 3.98 8.55
N SER A 560 -6.73 4.68 9.29
CA SER A 560 -7.95 4.11 9.83
C SER A 560 -8.88 5.20 10.39
N ASP A 561 -10.19 5.07 10.16
CA ASP A 561 -11.20 5.86 10.89
C ASP A 561 -11.17 5.52 12.38
N ASN A 562 -10.63 4.36 12.75
CA ASN A 562 -10.55 4.04 14.16
C ASN A 562 -9.44 4.87 14.79
N THR A 563 -9.79 5.87 15.63
CA THR A 563 -8.77 6.71 16.23
C THR A 563 -8.57 6.34 17.70
N ASP A 564 -9.09 5.18 18.12
CA ASP A 564 -8.85 4.71 19.48
C ASP A 564 -7.37 4.39 19.66
N ALA A 565 -6.77 4.87 20.76
CA ALA A 565 -5.34 4.65 20.99
C ALA A 565 -5.00 3.15 21.04
N ILE A 566 -5.90 2.37 21.64
CA ILE A 566 -5.64 0.96 21.86
C ILE A 566 -6.00 0.16 20.60
N ALA A 567 -7.16 0.43 20.01
CA ALA A 567 -7.50 -0.25 18.76
C ALA A 567 -6.48 0.09 17.66
N ARG A 568 -5.81 1.24 17.77
CA ARG A 568 -4.82 1.68 16.78
C ARG A 568 -3.55 0.82 16.81
N LEU A 569 -3.31 0.10 17.91
CA LEU A 569 -2.07 -0.65 18.06
C LEU A 569 -1.90 -1.70 16.95
N PRO A 570 -2.78 -2.70 16.77
CA PRO A 570 -2.61 -3.66 15.69
C PRO A 570 -2.69 -3.01 14.29
N ILE A 571 -3.41 -1.89 14.20
CA ILE A 571 -3.62 -1.18 12.94
C ILE A 571 -2.31 -0.57 12.44
N GLN A 572 -1.58 0.04 13.37
CA GLN A 572 -0.31 0.69 13.07
C GLN A 572 0.77 -0.36 12.82
N TYR A 573 0.72 -1.45 13.60
CA TYR A 573 1.56 -2.62 13.38
C TYR A 573 1.50 -3.03 11.91
N GLY A 574 0.28 -3.22 11.38
CA GLY A 574 0.10 -3.64 10.01
C GLY A 574 0.35 -2.55 8.97
N SER A 575 -0.05 -1.32 9.29
CA SER A 575 -0.04 -0.22 8.34
C SER A 575 1.40 0.20 8.06
N SER A 576 2.31 -0.09 9.00
CA SER A 576 3.71 0.26 8.83
C SER A 576 4.56 -0.98 8.59
N TYR A 577 3.91 -2.13 8.33
CA TYR A 577 4.63 -3.39 8.21
C TYR A 577 5.50 -3.37 6.94
N LEU A 578 4.94 -2.85 5.86
CA LEU A 578 5.66 -2.83 4.60
C LEU A 578 5.84 -1.39 4.10
N TYR A 579 5.10 -0.45 4.71
CA TYR A 579 5.05 0.94 4.29
C TYR A 579 5.73 1.81 5.34
N PRO A 580 6.46 2.89 4.98
CA PRO A 580 7.18 3.69 5.97
C PRO A 580 6.20 4.42 6.90
N THR A 581 6.63 4.62 8.15
CA THR A 581 5.88 5.29 9.21
C THR A 581 5.41 6.67 8.73
N ILE A 582 6.24 7.33 7.91
CA ILE A 582 5.94 8.69 7.47
C ILE A 582 4.59 8.75 6.72
N SER A 583 4.19 7.64 6.12
CA SER A 583 2.93 7.58 5.38
C SER A 583 1.70 7.55 6.29
N MET A 584 1.91 7.26 7.57
CA MET A 584 0.85 6.63 8.35
C MET A 584 0.12 7.64 9.23
N GLY A 585 -0.94 8.27 8.68
CA GLY A 585 -1.68 9.29 9.41
C GLY A 585 -2.24 8.75 10.71
N ALA A 586 -2.09 9.50 11.80
CA ALA A 586 -2.56 9.09 13.12
C ALA A 586 -2.95 10.34 13.92
N HIS A 587 -4.20 10.36 14.43
CA HIS A 587 -4.71 11.57 15.08
C HIS A 587 -5.10 11.28 16.53
N VAL A 588 -4.74 12.20 17.43
CA VAL A 588 -5.24 12.22 18.79
C VAL A 588 -6.70 12.69 18.70
N SER A 589 -7.62 11.89 19.25
CA SER A 589 -9.04 12.19 19.17
C SER A 589 -9.67 12.22 20.56
N ALA A 590 -10.98 12.55 20.59
CA ALA A 590 -11.68 12.73 21.86
C ALA A 590 -12.01 11.39 22.55
N VAL A 591 -12.34 11.48 23.84
CA VAL A 591 -12.84 10.36 24.64
C VAL A 591 -14.20 10.73 25.23
N PRO A 592 -15.14 9.77 25.44
CA PRO A 592 -14.93 8.38 25.02
C PRO A 592 -14.78 8.29 23.49
N ASN A 593 -13.90 7.38 23.05
CA ASN A 593 -13.59 7.28 21.63
C ASN A 593 -14.86 6.96 20.81
N HIS A 594 -14.99 7.56 19.62
CA HIS A 594 -16.23 7.50 18.86
C HIS A 594 -16.49 6.12 18.24
N GLN A 595 -15.43 5.33 18.06
CA GLN A 595 -15.57 4.04 17.41
C GLN A 595 -15.73 2.92 18.46
N MET A 596 -14.95 2.99 19.54
CA MET A 596 -14.80 1.89 20.50
C MET A 596 -15.65 2.11 21.76
N GLY A 597 -16.09 3.36 21.99
CA GLY A 597 -16.83 3.73 23.20
C GLY A 597 -15.96 3.63 24.47
N ARG A 598 -14.68 4.00 24.38
CA ARG A 598 -13.65 3.70 25.37
C ARG A 598 -12.98 4.98 25.86
N MET A 599 -12.72 5.08 27.19
CA MET A 599 -11.85 6.08 27.78
C MET A 599 -10.39 5.59 27.75
N THR A 600 -9.48 6.42 27.22
CA THR A 600 -8.05 6.15 27.25
C THR A 600 -7.34 7.40 27.73
N PRO A 601 -6.21 7.30 28.47
CA PRO A 601 -5.48 8.48 28.90
C PRO A 601 -5.03 9.31 27.70
N LEU A 602 -5.08 10.64 27.86
CA LEU A 602 -4.64 11.54 26.80
C LEU A 602 -3.17 11.28 26.51
N GLU A 603 -2.41 10.92 27.54
CA GLU A 603 -1.00 10.60 27.36
C GLU A 603 -0.83 9.45 26.35
N THR A 604 -1.68 8.43 26.46
CA THR A 604 -1.55 7.24 25.62
C THR A 604 -2.02 7.53 24.19
N ARG A 605 -3.14 8.25 24.07
CA ARG A 605 -3.55 8.72 22.75
C ARG A 605 -2.39 9.48 22.08
N GLY A 606 -1.71 10.33 22.83
CA GLY A 606 -0.57 11.08 22.29
C GLY A 606 0.57 10.14 21.85
N LEU A 607 0.98 9.24 22.75
CA LEU A 607 2.14 8.40 22.46
C LEU A 607 1.84 7.42 21.32
N VAL A 608 0.59 6.96 21.22
CA VAL A 608 0.27 6.05 20.13
C VAL A 608 0.28 6.79 18.80
N ALA A 609 -0.35 7.97 18.73
CA ALA A 609 -0.36 8.74 17.50
C ALA A 609 1.07 9.16 17.11
N MET A 610 1.96 9.29 18.11
CA MET A 610 3.31 9.75 17.84
C MET A 610 4.19 8.62 17.29
N MET A 611 3.62 7.40 17.19
CA MET A 611 4.31 6.31 16.52
C MET A 611 3.99 6.37 15.04
N GLY A 612 3.13 7.32 14.68
CA GLY A 612 2.74 7.57 13.30
C GLY A 612 3.03 9.01 12.92
N ASN A 613 2.31 9.48 11.89
CA ASN A 613 2.39 10.82 11.34
C ASN A 613 1.31 11.65 12.05
N LEU A 614 1.74 12.45 13.03
CA LEU A 614 0.87 12.99 14.06
C LEU A 614 -0.05 14.10 13.54
N GLY A 615 -1.33 13.94 13.90
CA GLY A 615 -2.25 15.06 13.84
C GLY A 615 -3.27 15.00 14.99
N TYR A 616 -4.26 15.89 14.92
CA TYR A 616 -5.26 16.06 15.96
C TYR A 616 -6.64 16.13 15.32
N GLU A 617 -7.63 15.50 15.98
CA GLU A 617 -8.96 15.46 15.44
C GLU A 617 -9.97 15.39 16.59
N LEU A 618 -10.14 16.54 17.25
CA LEU A 618 -11.11 16.73 18.32
C LEU A 618 -11.37 18.23 18.46
N ASP A 619 -12.44 18.58 19.16
CA ASP A 619 -12.83 19.98 19.28
C ASP A 619 -11.97 20.65 20.35
N LEU A 620 -10.85 21.25 19.93
CA LEU A 620 -9.94 21.93 20.84
C LEU A 620 -10.64 23.02 21.65
N THR A 621 -11.72 23.61 21.09
CA THR A 621 -12.42 24.70 21.76
C THR A 621 -13.18 24.21 22.98
N ASN A 622 -13.40 22.89 23.10
CA ASN A 622 -14.18 22.37 24.22
C ASN A 622 -13.30 21.69 25.25
N LEU A 623 -11.98 21.81 25.14
CA LEU A 623 -11.12 21.17 26.12
C LEU A 623 -10.90 22.08 27.31
N SER A 624 -10.57 21.51 28.47
CA SER A 624 -10.12 22.29 29.63
C SER A 624 -8.81 23.00 29.30
N ASP A 625 -8.42 23.93 30.18
CA ASP A 625 -7.12 24.58 30.08
C ASP A 625 -6.00 23.55 30.23
N GLU A 626 -6.23 22.54 31.07
CA GLU A 626 -5.21 21.51 31.30
C GLU A 626 -5.01 20.63 30.08
N GLU A 627 -6.12 20.25 29.43
CA GLU A 627 -6.02 19.35 28.30
C GLU A 627 -5.34 20.09 27.15
N LYS A 628 -5.58 21.42 27.07
CA LYS A 628 -4.91 22.27 26.11
C LYS A 628 -3.40 22.30 26.37
N ALA A 629 -3.01 22.49 27.64
CA ALA A 629 -1.57 22.52 27.97
C ALA A 629 -0.93 21.19 27.62
N THR A 630 -1.64 20.08 27.87
CA THR A 630 -1.10 18.76 27.57
C THR A 630 -0.81 18.61 26.08
N ILE A 631 -1.77 19.03 25.25
CA ILE A 631 -1.62 18.93 23.81
C ILE A 631 -0.46 19.82 23.34
N ALA A 632 -0.32 21.02 23.92
CA ALA A 632 0.80 21.90 23.57
C ALA A 632 2.13 21.21 23.90
N ASN A 633 2.16 20.50 25.04
CA ASN A 633 3.33 19.72 25.41
C ASN A 633 3.60 18.58 24.43
N GLN A 634 2.52 17.92 23.97
CA GLN A 634 2.63 16.82 23.02
C GLN A 634 3.19 17.33 21.69
N VAL A 635 2.71 18.50 21.25
CA VAL A 635 3.15 19.09 19.99
C VAL A 635 4.63 19.47 20.10
N ASN A 636 5.02 20.12 21.20
CA ASN A 636 6.42 20.45 21.43
C ASN A 636 7.26 19.17 21.37
N LEU A 637 6.80 18.12 22.05
CA LEU A 637 7.57 16.89 22.09
C LEU A 637 7.74 16.34 20.68
N TYR A 638 6.64 16.28 19.92
CA TYR A 638 6.69 15.65 18.61
C TYR A 638 7.50 16.46 17.61
N LYS A 639 7.52 17.80 17.75
CA LYS A 639 8.38 18.60 16.89
C LYS A 639 9.82 18.12 17.02
N GLU A 640 10.17 17.63 18.21
CA GLU A 640 11.47 17.07 18.49
C GLU A 640 11.58 15.64 17.96
N LEU A 641 10.52 14.82 18.13
CA LEU A 641 10.65 13.41 17.78
C LEU A 641 10.37 13.18 16.29
N ARG A 642 9.77 14.16 15.62
CA ARG A 642 9.25 13.97 14.27
C ARG A 642 10.33 13.42 13.34
N PRO A 643 11.57 13.95 13.31
CA PRO A 643 12.59 13.41 12.42
C PRO A 643 12.90 11.95 12.77
N VAL A 644 12.91 11.64 14.07
CA VAL A 644 13.28 10.30 14.50
C VAL A 644 12.20 9.35 14.01
N VAL A 645 10.93 9.76 14.19
CA VAL A 645 9.83 8.88 13.83
C VAL A 645 9.70 8.80 12.31
N GLN A 646 9.75 9.96 11.65
CA GLN A 646 9.40 10.02 10.23
C GLN A 646 10.58 9.64 9.34
N LEU A 647 11.82 9.91 9.79
CA LEU A 647 12.98 9.76 8.94
C LEU A 647 13.86 8.63 9.46
N GLY A 648 13.58 8.11 10.66
CA GLY A 648 14.45 7.12 11.28
C GLY A 648 14.11 5.69 10.88
N GLN A 649 14.79 4.73 11.52
CA GLN A 649 14.64 3.30 11.28
C GLN A 649 13.76 2.74 12.40
N GLN A 650 12.75 1.95 12.00
CA GLN A 650 11.73 1.43 12.91
C GLN A 650 12.10 0.01 13.33
N TYR A 651 12.03 -0.26 14.64
CA TYR A 651 12.21 -1.60 15.19
C TYR A 651 11.05 -1.96 16.11
N ARG A 652 10.31 -3.00 15.72
CA ARG A 652 9.25 -3.57 16.53
C ARG A 652 9.90 -4.35 17.67
N LEU A 653 9.45 -4.12 18.91
CA LEU A 653 10.03 -4.82 20.04
C LEU A 653 9.01 -5.77 20.66
N ILE A 654 7.75 -5.33 20.81
CA ILE A 654 6.70 -6.25 21.24
C ILE A 654 5.52 -6.00 20.31
N ASN A 655 5.02 -7.06 19.66
CA ASN A 655 4.00 -6.90 18.64
C ASN A 655 2.61 -6.95 19.29
N PRO A 656 1.71 -6.01 18.95
CA PRO A 656 0.33 -6.06 19.43
C PRO A 656 -0.47 -7.04 18.58
N ASP A 657 -0.69 -8.24 19.09
CA ASP A 657 -1.55 -9.14 18.35
C ASP A 657 -2.70 -9.57 19.26
N THR A 658 -3.38 -10.61 18.81
CA THR A 658 -4.58 -11.11 19.45
C THR A 658 -4.31 -11.57 20.89
N VAL A 659 -3.10 -12.08 21.18
CA VAL A 659 -2.82 -12.63 22.49
C VAL A 659 -1.96 -11.69 23.34
N SER A 660 -1.18 -10.84 22.70
CA SER A 660 -0.26 -10.00 23.47
C SER A 660 -1.08 -8.97 24.25
N ASN A 661 -0.60 -8.61 25.44
CA ASN A 661 -1.23 -7.58 26.24
C ASN A 661 -0.43 -6.28 26.12
N GLU A 662 0.52 -6.23 25.17
CA GLU A 662 1.51 -5.17 25.12
C GLU A 662 1.82 -4.74 23.68
N ALA A 663 2.39 -3.53 23.55
CA ALA A 663 2.99 -3.07 22.30
C ALA A 663 4.25 -2.24 22.57
N ALA A 664 5.30 -2.44 21.78
CA ALA A 664 6.47 -1.59 21.94
C ALA A 664 7.19 -1.43 20.61
N VAL A 665 7.56 -0.17 20.29
CA VAL A 665 8.20 0.15 19.01
C VAL A 665 9.32 1.16 19.29
N GLN A 666 10.48 0.86 18.71
CA GLN A 666 11.68 1.66 18.84
C GLN A 666 11.96 2.40 17.52
N PHE A 667 12.47 3.64 17.61
CA PHE A 667 12.98 4.29 16.41
C PHE A 667 14.41 4.76 16.69
N ASN A 668 15.32 4.55 15.72
CA ASN A 668 16.70 5.07 15.74
C ASN A 668 16.90 6.10 14.63
N TYR A 669 17.58 7.20 14.95
CA TYR A 669 17.93 8.16 13.92
C TYR A 669 19.16 8.95 14.38
N GLY A 670 20.31 8.60 13.82
CA GLY A 670 21.56 9.19 14.28
C GLY A 670 21.73 8.98 15.78
N ASN A 671 21.94 10.08 16.52
CA ASN A 671 22.21 10.00 17.95
C ASN A 671 20.92 9.94 18.77
N GLN A 672 19.76 9.73 18.13
CA GLN A 672 18.51 9.68 18.89
C GLN A 672 17.93 8.27 18.80
N THR A 673 17.54 7.72 19.98
CA THR A 673 16.83 6.45 20.10
C THR A 673 15.64 6.67 21.02
N ILE A 674 14.43 6.35 20.54
CA ILE A 674 13.25 6.45 21.38
C ILE A 674 12.56 5.09 21.41
N VAL A 675 11.82 4.82 22.49
CA VAL A 675 11.04 3.59 22.60
C VAL A 675 9.70 3.92 23.22
N THR A 676 8.61 3.49 22.57
CA THR A 676 7.28 3.67 23.15
C THR A 676 6.74 2.31 23.59
N TYR A 677 6.18 2.24 24.80
CA TYR A 677 5.63 1.02 25.38
C TYR A 677 4.18 1.29 25.77
N VAL A 678 3.25 0.38 25.42
CA VAL A 678 1.85 0.47 25.83
C VAL A 678 1.42 -0.87 26.41
N ARG A 679 0.66 -0.83 27.51
CA ARG A 679 0.08 -2.05 28.07
C ARG A 679 -1.43 -1.93 27.95
N VAL A 680 -2.11 -2.97 27.44
CA VAL A 680 -3.55 -2.87 27.28
C VAL A 680 -4.29 -3.04 28.61
N LEU A 681 -4.36 -4.27 29.14
CA LEU A 681 -5.06 -4.47 30.40
C LEU A 681 -4.07 -4.39 31.57
N SER A 682 -4.48 -3.68 32.63
CA SER A 682 -3.89 -3.72 33.96
C SER A 682 -3.61 -5.18 34.35
N VAL A 683 -2.46 -5.43 35.00
CA VAL A 683 -2.14 -6.75 35.52
C VAL A 683 -1.78 -6.63 37.00
N VAL A 684 -1.87 -7.74 37.74
CA VAL A 684 -1.52 -7.77 39.14
C VAL A 684 -0.67 -9.02 39.41
N GLU A 685 0.27 -8.93 40.36
CA GLU A 685 1.16 -10.02 40.75
C GLU A 685 1.75 -10.68 39.50
N THR A 686 2.29 -9.83 38.63
CA THR A 686 2.93 -10.30 37.41
C THR A 686 4.27 -9.57 37.32
N MET A 687 5.39 -10.29 37.19
CA MET A 687 6.70 -9.63 37.13
C MET A 687 6.71 -8.68 35.93
N GLU A 688 7.36 -7.53 36.11
CA GLU A 688 7.56 -6.50 35.09
C GLU A 688 8.22 -7.11 33.85
N THR A 689 7.78 -6.67 32.66
CA THR A 689 8.40 -7.02 31.38
C THR A 689 9.84 -6.48 31.34
N THR A 690 10.73 -7.25 30.72
CA THR A 690 12.08 -6.81 30.38
C THR A 690 12.10 -6.53 28.88
N LEU A 691 12.35 -5.27 28.51
CA LEU A 691 12.27 -4.80 27.13
C LEU A 691 13.66 -4.46 26.61
N LYS A 692 14.16 -5.27 25.65
CA LYS A 692 15.51 -5.06 25.15
C LYS A 692 15.44 -4.25 23.85
N LEU A 693 16.35 -3.26 23.70
CA LEU A 693 16.45 -2.44 22.49
C LEU A 693 17.26 -3.18 21.42
N LYS A 694 17.17 -2.71 20.17
CA LYS A 694 17.88 -3.35 19.07
C LYS A 694 18.73 -2.33 18.32
N ASP A 695 19.73 -2.85 17.61
CA ASP A 695 20.51 -2.11 16.64
C ASP A 695 21.18 -0.86 17.24
N LEU A 696 21.82 -1.05 18.40
CA LEU A 696 22.63 -0.01 19.03
C LEU A 696 24.10 -0.42 18.90
N ASP A 697 25.02 0.52 19.18
CA ASP A 697 26.44 0.23 19.32
C ASP A 697 26.66 -0.33 20.72
N GLU A 698 27.25 -1.54 20.80
CA GLU A 698 27.49 -2.19 22.07
C GLU A 698 28.27 -1.27 22.99
N GLU A 699 29.25 -0.56 22.40
CA GLU A 699 30.18 0.31 23.10
C GLU A 699 29.63 1.74 23.19
N GLY A 700 28.56 2.04 22.45
CA GLY A 700 27.93 3.34 22.53
C GLY A 700 27.46 3.65 23.95
N LEU A 701 27.42 4.94 24.31
CA LEU A 701 26.86 5.35 25.60
C LEU A 701 25.55 6.10 25.40
N TYR A 702 24.49 5.60 26.05
CA TYR A 702 23.13 6.07 25.81
C TYR A 702 22.55 6.67 27.08
N LYS A 703 22.30 7.98 27.02
CA LYS A 703 21.80 8.73 28.15
C LYS A 703 20.28 8.81 28.08
N LEU A 704 19.63 8.20 29.07
CA LEU A 704 18.18 8.18 29.19
C LEU A 704 17.69 9.50 29.77
N GLN A 705 16.82 10.19 29.03
CA GLN A 705 16.42 11.54 29.38
C GLN A 705 15.78 11.61 30.77
N GLU A 706 14.94 10.62 31.11
CA GLU A 706 14.10 10.77 32.28
C GLU A 706 14.91 10.70 33.58
N ASN A 707 15.98 9.90 33.62
CA ASN A 707 16.69 9.70 34.88
C ASN A 707 18.15 10.16 34.78
N GLY A 708 18.57 10.63 33.59
CA GLY A 708 19.94 11.05 33.36
C GLY A 708 20.98 9.92 33.36
N GLU A 709 20.56 8.67 33.54
CA GLU A 709 21.51 7.58 33.60
C GLU A 709 22.08 7.28 32.20
N VAL A 710 23.34 6.86 32.16
CA VAL A 710 24.03 6.51 30.92
C VAL A 710 24.23 5.00 30.87
N TYR A 711 23.69 4.34 29.83
CA TYR A 711 23.81 2.90 29.66
C TYR A 711 24.55 2.59 28.37
N SER A 712 25.40 1.56 28.43
CA SER A 712 26.03 1.12 27.20
C SER A 712 24.95 0.50 26.31
N GLY A 713 25.21 0.49 25.00
CA GLY A 713 24.29 -0.14 24.09
C GLY A 713 24.14 -1.62 24.41
N ALA A 714 25.25 -2.27 24.81
CA ALA A 714 25.23 -3.67 25.24
C ALA A 714 24.21 -3.89 26.36
N GLU A 715 24.19 -2.99 27.35
CA GLU A 715 23.25 -3.14 28.43
C GLU A 715 21.80 -3.08 27.93
N LEU A 716 21.51 -2.12 27.06
CA LEU A 716 20.14 -1.86 26.65
C LEU A 716 19.67 -3.00 25.74
N MET A 717 20.60 -3.60 25.02
CA MET A 717 20.25 -4.63 24.05
C MET A 717 20.26 -6.01 24.72
N TYR A 718 21.11 -6.23 25.72
CA TYR A 718 21.27 -7.60 26.19
C TYR A 718 20.69 -7.81 27.59
N ALA A 719 20.61 -6.73 28.40
CA ALA A 719 19.94 -6.79 29.70
C ALA A 719 18.52 -6.24 29.54
N GLY A 720 18.40 -5.02 28.96
CA GLY A 720 17.10 -4.45 28.67
C GLY A 720 16.53 -3.65 29.85
N LEU A 721 15.37 -3.03 29.62
CA LEU A 721 14.72 -2.16 30.59
C LEU A 721 13.65 -2.95 31.34
N THR A 722 13.69 -2.92 32.67
CA THR A 722 12.53 -3.30 33.47
C THR A 722 11.44 -2.25 33.29
N VAL A 723 10.30 -2.67 32.74
CA VAL A 723 9.23 -1.74 32.41
C VAL A 723 8.27 -1.64 33.59
N ILE A 724 8.18 -0.44 34.19
CA ILE A 724 7.37 -0.22 35.38
C ILE A 724 6.13 0.60 35.02
N LEU A 725 4.95 0.14 35.48
CA LEU A 725 3.73 0.91 35.34
C LEU A 725 2.93 0.83 36.64
N SER A 726 2.14 1.88 36.89
CA SER A 726 1.10 1.87 37.91
C SER A 726 -0.01 0.91 37.51
N GLN A 727 -1.01 0.77 38.40
CA GLN A 727 -2.23 0.01 38.12
C GLN A 727 -3.13 0.76 37.14
N GLY A 728 -3.69 0.06 36.17
CA GLY A 728 -4.66 0.67 35.27
C GLY A 728 -4.52 0.18 33.82
N ASP A 729 -5.61 0.33 33.07
CA ASP A 729 -5.68 -0.03 31.66
C ASP A 729 -5.09 1.07 30.79
N PHE A 730 -4.55 0.67 29.62
CA PHE A 730 -4.22 1.58 28.54
C PHE A 730 -3.14 2.59 28.94
N LEU A 731 -2.24 2.18 29.85
CA LEU A 731 -1.16 3.07 30.24
C LEU A 731 0.00 2.92 29.25
N SER A 732 0.83 3.97 29.16
CA SER A 732 1.95 3.97 28.25
C SER A 732 3.15 4.66 28.88
N ARG A 733 4.34 4.42 28.32
CA ARG A 733 5.44 5.32 28.61
C ARG A 733 6.44 5.35 27.46
N GLN A 734 7.31 6.37 27.46
CA GLN A 734 8.29 6.51 26.40
C GLN A 734 9.67 6.65 27.03
N TYR A 735 10.66 5.99 26.44
CA TYR A 735 12.04 6.18 26.85
C TYR A 735 12.75 6.95 25.75
N ILE A 736 13.46 8.03 26.12
CA ILE A 736 14.19 8.84 25.16
C ILE A 736 15.66 8.80 25.52
N PHE A 737 16.49 8.36 24.57
CA PHE A 737 17.93 8.26 24.77
C PHE A 737 18.66 9.17 23.79
N ARG A 738 19.80 9.71 24.25
CA ARG A 738 20.74 10.41 23.38
C ARG A 738 22.08 9.70 23.49
N LYS A 739 22.59 9.24 22.33
CA LYS A 739 23.91 8.65 22.26
C LYS A 739 24.95 9.78 22.40
N LEU A 740 25.93 9.61 23.29
CA LEU A 740 26.84 10.70 23.64
C LEU A 740 27.99 10.82 22.65
#